data_1GLA
#
_entry.id   1GLA
#
_cell.length_a   123.400
_cell.length_b   124.300
_cell.length_c   133.600
_cell.angle_alpha   90.00
_cell.angle_beta   90.00
_cell.angle_gamma   90.00
#
_symmetry.space_group_name_H-M   'I 2 2 2'
#
loop_
_entity.id
_entity.type
_entity.pdbx_description
1 polymer 'GLUCOSE-SPECIFIC PROTEIN IIIGlc'
2 polymer 'GLYCEROL KINASE'
3 non-polymer GLYCEROL
#
loop_
_entity_poly.entity_id
_entity_poly.type
_entity_poly.pdbx_seq_one_letter_code
_entity_poly.pdbx_strand_id
1 'polypeptide(L)'
;GLFDKLKSLVSDDKKDTGTIEIIAPLSGEIVNIEDVPDVVFAEKIVGDGIAIKPTGNKMVAPVDGTIGKIFETNHAFSIE
SDSGVELFVHFGIDTVELKGEGFKRIAEEGQRVKVGDTVIEFDLPLLEEKAKSTLTPVVISNMDEIKELIKLSGSVTVGE
TPVIRIKK
;
F
2 'polypeptide(L)'
;TEKKYIVALDQGTTSSRAVVMDHDANIISVSQREFEQIYPKPGWVEHDPMEIWATQSSTLVEVLAKADISSDQIAAIGIT
NQRETTIVWEKETGKPIYNAIVWQCRRTAEICEHLKRDGLEDYIRSNTGLVIDPYFSGTKVKWILDHVEGSRERARRGEL
LFGTVDTWLIWKMTQGRVHVTDYTNASRTMLFNIHTLDWDDKMLEVLDIPREMLPEVRRSSEVYGQTNIGGKGGTRIPIS
GIAGDQQAALFGQLCVKEGMAKNTYGTGCFMLMNTGEKAVKSENGLLTTIACGPTGEVNYALEGAVFMAGASIQWLRDEM
KLINDAYDSEYFATKVQNTNGVYVVPAFTGLGAPYWDPYARGAIFGLTRGVNANHIIRATLESIAYQTRDVLEAMQADSG
IRLHALRVDGGAVANNFLMQFQSDILGTRVERPEVREVTALGAAYLAGLAVGFWQNLDELQEKAVIEREFRPGIETTERN
YRYAGWKKAVKRAMAWEEHDE
;
G
#
loop_
_chem_comp.id
_chem_comp.type
_chem_comp.name
_chem_comp.formula
GOL non-polymer GLYCEROL 'C3 H8 O3'
#
# COMPACT_ATOMS: atom_id res chain seq x y z
N GLY A 1 36.01 -39.71 16.14
CA GLY A 1 36.75 -39.04 17.20
C GLY A 1 36.43 -37.56 17.17
N LEU A 2 36.52 -36.85 18.30
CA LEU A 2 36.31 -35.42 18.25
C LEU A 2 37.25 -34.82 19.27
N PHE A 3 37.85 -33.71 18.82
CA PHE A 3 38.96 -33.04 19.50
C PHE A 3 38.60 -31.74 20.22
N ASP A 4 37.42 -31.64 20.83
CA ASP A 4 37.15 -30.40 21.54
C ASP A 4 37.75 -30.19 22.91
N LYS A 5 37.98 -31.21 23.73
CA LYS A 5 38.62 -30.96 25.01
C LYS A 5 40.15 -30.95 24.90
N LEU A 6 40.63 -30.88 23.64
CA LEU A 6 42.03 -31.00 23.29
C LEU A 6 42.57 -29.62 22.99
N LYS A 7 43.79 -29.32 23.43
CA LYS A 7 44.36 -27.98 23.24
C LYS A 7 44.67 -27.66 21.79
N SER A 8 44.58 -26.38 21.45
CA SER A 8 44.75 -25.94 20.09
C SER A 8 45.88 -24.96 19.89
N LEU A 9 46.29 -25.06 18.62
CA LEU A 9 47.35 -24.26 18.08
C LEU A 9 46.80 -22.88 17.78
N VAL A 10 46.83 -22.06 18.83
CA VAL A 10 46.43 -20.65 18.78
C VAL A 10 47.61 -19.84 18.27
N SER A 11 47.36 -18.63 17.79
CA SER A 11 48.41 -17.72 17.35
C SER A 11 47.79 -16.43 16.81
N THR A 19 42.66 -2.39 13.65
CA THR A 19 42.43 -2.56 12.23
C THR A 19 41.73 -3.91 12.21
N ILE A 20 40.41 -3.72 12.16
CA ILE A 20 39.48 -4.81 12.43
C ILE A 20 39.44 -5.92 11.39
N GLU A 21 39.70 -7.13 11.88
CA GLU A 21 39.53 -8.32 11.08
C GLU A 21 38.29 -9.07 11.55
N ILE A 22 37.65 -9.69 10.57
CA ILE A 22 36.43 -10.45 10.78
C ILE A 22 36.97 -11.81 10.42
N ILE A 23 37.00 -12.64 11.47
CA ILE A 23 37.43 -14.01 11.35
C ILE A 23 36.28 -14.88 10.87
N ALA A 24 36.67 -15.85 10.03
CA ALA A 24 35.75 -16.80 9.39
C ALA A 24 34.84 -17.56 10.36
N PRO A 25 33.53 -17.29 10.32
CA PRO A 25 32.51 -17.93 11.15
C PRO A 25 32.36 -19.42 10.86
N LEU A 26 32.81 -19.78 9.65
CA LEU A 26 32.84 -21.13 9.19
C LEU A 26 33.85 -21.37 8.07
N SER A 27 34.09 -22.64 7.77
CA SER A 27 35.11 -23.02 6.80
C SER A 27 34.50 -23.26 5.45
N GLY A 28 35.37 -23.05 4.47
CA GLY A 28 35.03 -23.32 3.09
C GLY A 28 35.56 -22.22 2.21
N GLU A 29 35.08 -22.21 0.96
CA GLU A 29 35.52 -21.21 0.02
C GLU A 29 34.75 -19.93 0.23
N ILE A 30 35.49 -18.83 0.15
CA ILE A 30 34.91 -17.49 0.09
C ILE A 30 34.35 -17.34 -1.33
N VAL A 31 33.10 -16.84 -1.38
CA VAL A 31 32.36 -16.64 -2.63
C VAL A 31 31.84 -15.23 -2.60
N ASN A 32 31.85 -14.54 -3.76
CA ASN A 32 31.32 -13.18 -3.82
C ASN A 32 29.85 -13.13 -3.43
N ILE A 33 29.52 -12.12 -2.63
CA ILE A 33 28.14 -11.96 -2.21
C ILE A 33 27.23 -11.67 -3.40
N GLU A 34 27.71 -11.01 -4.48
CA GLU A 34 26.80 -10.83 -5.59
C GLU A 34 26.63 -12.12 -6.38
N ASP A 35 27.26 -13.23 -5.96
CA ASP A 35 26.98 -14.54 -6.52
C ASP A 35 25.94 -15.27 -5.68
N VAL A 36 25.56 -14.66 -4.55
CA VAL A 36 24.53 -15.19 -3.65
C VAL A 36 23.14 -14.93 -4.22
N PRO A 37 22.38 -16.00 -4.50
CA PRO A 37 21.16 -15.98 -5.30
C PRO A 37 19.93 -15.58 -4.50
N ASP A 38 19.99 -14.40 -3.87
CA ASP A 38 18.88 -13.81 -3.15
C ASP A 38 19.30 -12.36 -3.18
N VAL A 39 18.53 -11.53 -3.93
CA VAL A 39 18.92 -10.15 -4.24
C VAL A 39 19.19 -9.19 -3.10
N VAL A 40 18.81 -9.46 -1.84
CA VAL A 40 19.14 -8.52 -0.78
C VAL A 40 20.59 -8.67 -0.33
N PHE A 41 21.15 -9.85 -0.64
CA PHE A 41 22.53 -10.15 -0.40
C PHE A 41 23.25 -9.78 -1.69
N ALA A 42 22.85 -10.35 -2.84
CA ALA A 42 23.49 -10.11 -4.12
C ALA A 42 23.65 -8.67 -4.51
N GLU A 43 22.73 -7.80 -4.05
CA GLU A 43 22.77 -6.35 -4.31
C GLU A 43 23.03 -5.49 -3.08
N LYS A 44 23.75 -5.99 -2.07
CA LYS A 44 24.13 -5.23 -0.88
C LYS A 44 23.05 -4.54 -0.05
N ILE A 45 21.78 -4.98 -0.15
CA ILE A 45 20.66 -4.29 0.49
C ILE A 45 20.69 -4.34 1.99
N VAL A 46 20.86 -5.54 2.54
CA VAL A 46 20.83 -5.79 3.99
C VAL A 46 22.16 -5.48 4.69
N GLY A 47 23.21 -5.58 3.91
CA GLY A 47 24.54 -5.23 4.31
C GLY A 47 25.53 -5.65 3.25
N ASP A 48 26.80 -5.35 3.50
CA ASP A 48 27.82 -5.84 2.61
C ASP A 48 28.92 -6.65 3.30
N GLY A 49 29.43 -7.65 2.59
CA GLY A 49 30.50 -8.49 3.11
C GLY A 49 30.79 -9.65 2.16
N ILE A 50 30.93 -10.88 2.61
CA ILE A 50 31.16 -11.97 1.65
C ILE A 50 30.24 -13.14 1.95
N ALA A 51 30.40 -14.22 1.19
CA ALA A 51 29.65 -15.46 1.36
C ALA A 51 30.62 -16.63 1.50
N ILE A 52 30.16 -17.76 2.04
CA ILE A 52 31.02 -18.89 2.21
C ILE A 52 30.26 -20.16 1.83
N LYS A 53 30.81 -20.97 0.90
CA LYS A 53 30.25 -22.27 0.59
C LYS A 53 30.76 -23.25 1.67
N PRO A 54 29.97 -23.61 2.69
CA PRO A 54 30.42 -24.23 3.92
C PRO A 54 30.84 -25.69 3.77
N THR A 55 31.86 -26.11 4.53
CA THR A 55 32.29 -27.51 4.46
C THR A 55 32.25 -28.26 5.77
N GLY A 56 32.25 -27.66 6.97
CA GLY A 56 32.14 -28.45 8.17
C GLY A 56 31.31 -27.86 9.33
N ASN A 57 30.52 -28.78 9.88
CA ASN A 57 29.53 -28.64 10.94
C ASN A 57 29.44 -27.62 12.08
N LYS A 58 30.24 -26.55 12.23
CA LYS A 58 29.89 -25.49 13.18
C LYS A 58 29.94 -24.09 12.58
N MET A 59 29.29 -23.18 13.31
CA MET A 59 29.10 -21.78 12.95
C MET A 59 29.52 -21.08 14.25
N VAL A 60 30.50 -20.17 14.10
CA VAL A 60 31.28 -19.64 15.21
C VAL A 60 31.27 -18.13 15.31
N ALA A 61 31.50 -17.58 16.50
CA ALA A 61 31.57 -16.14 16.74
C ALA A 61 32.69 -15.49 15.94
N PRO A 62 32.40 -14.66 14.95
CA PRO A 62 33.37 -14.20 13.96
C PRO A 62 34.28 -13.09 14.43
N VAL A 63 33.94 -12.52 15.61
CA VAL A 63 34.59 -11.40 16.27
C VAL A 63 34.41 -11.58 17.77
N ASP A 64 35.12 -10.81 18.60
CA ASP A 64 34.90 -10.90 20.05
C ASP A 64 33.82 -9.85 20.33
N GLY A 65 32.65 -10.33 20.74
CA GLY A 65 31.54 -9.42 21.06
C GLY A 65 30.34 -10.16 21.61
N THR A 66 29.16 -9.51 21.63
CA THR A 66 27.97 -10.10 22.24
C THR A 66 27.07 -10.63 21.13
N ILE A 67 26.32 -11.70 21.37
CA ILE A 67 25.37 -12.17 20.38
C ILE A 67 24.16 -11.28 20.53
N GLY A 68 23.83 -10.60 19.44
CA GLY A 68 22.61 -9.83 19.37
C GLY A 68 21.40 -10.75 19.35
N LYS A 69 21.16 -11.45 18.24
CA LYS A 69 20.03 -12.36 18.22
C LYS A 69 20.23 -13.54 17.31
N ILE A 70 19.73 -14.69 17.79
CA ILE A 70 19.76 -15.90 17.00
C ILE A 70 18.32 -16.01 16.55
N PHE A 71 18.12 -16.25 15.26
CA PHE A 71 16.79 -16.44 14.75
C PHE A 71 16.24 -17.71 15.41
N GLU A 72 14.92 -17.82 15.68
CA GLU A 72 14.38 -18.99 16.37
C GLU A 72 14.47 -20.32 15.62
N THR A 73 14.57 -20.30 14.29
CA THR A 73 14.77 -21.50 13.48
C THR A 73 16.20 -22.03 13.53
N ASN A 74 17.03 -21.22 14.20
CA ASN A 74 18.45 -21.41 14.49
C ASN A 74 19.43 -21.22 13.36
N HIS A 75 18.98 -21.06 12.10
CA HIS A 75 19.91 -20.95 10.97
C HIS A 75 20.75 -19.68 10.91
N ALA A 76 20.46 -18.64 11.69
CA ALA A 76 21.21 -17.40 11.58
C ALA A 76 21.40 -16.65 12.88
N PHE A 77 22.38 -15.75 12.94
CA PHE A 77 22.62 -14.97 14.14
C PHE A 77 23.24 -13.59 13.88
N SER A 78 23.18 -12.73 14.90
CA SER A 78 23.69 -11.37 14.83
C SER A 78 24.74 -11.12 15.88
N ILE A 79 25.83 -10.45 15.56
CA ILE A 79 26.83 -10.19 16.58
C ILE A 79 27.27 -8.73 16.51
N GLU A 80 27.59 -8.26 17.70
CA GLU A 80 28.11 -6.94 17.89
C GLU A 80 29.53 -7.05 18.44
N SER A 81 30.52 -6.67 17.64
CA SER A 81 31.91 -6.63 18.07
C SER A 81 32.10 -5.50 19.06
N ASP A 82 33.12 -5.58 19.94
CA ASP A 82 33.45 -4.49 20.86
C ASP A 82 33.97 -3.26 20.15
N SER A 83 34.51 -3.44 18.93
CA SER A 83 34.98 -2.32 18.11
C SER A 83 33.90 -1.55 17.31
N GLY A 84 32.64 -1.71 17.75
CA GLY A 84 31.50 -0.99 17.20
C GLY A 84 31.03 -1.49 15.85
N VAL A 85 31.13 -2.80 15.59
CA VAL A 85 30.73 -3.36 14.29
C VAL A 85 29.59 -4.34 14.54
N GLU A 86 28.72 -4.50 13.54
CA GLU A 86 27.58 -5.39 13.65
C GLU A 86 27.57 -6.24 12.39
N LEU A 87 27.72 -7.54 12.64
CA LEU A 87 27.77 -8.55 11.60
C LEU A 87 26.53 -9.40 11.65
N PHE A 88 26.22 -10.08 10.54
CA PHE A 88 25.08 -10.97 10.45
C PHE A 88 25.55 -12.18 9.66
N VAL A 89 25.40 -13.33 10.31
CA VAL A 89 25.76 -14.57 9.64
C VAL A 89 24.46 -15.33 9.40
N HIS A 90 24.21 -15.66 8.13
CA HIS A 90 23.01 -16.37 7.77
C HIS A 90 23.33 -17.63 6.97
N PHE A 91 23.11 -18.83 7.48
CA PHE A 91 23.46 -20.01 6.71
C PHE A 91 22.49 -20.16 5.54
N GLY A 92 22.97 -20.27 4.30
CA GLY A 92 22.12 -20.57 3.14
C GLY A 92 21.05 -19.55 2.71
N ILE A 93 20.15 -19.87 1.75
CA ILE A 93 19.05 -18.95 1.48
C ILE A 93 17.69 -19.65 1.65
N ASP A 94 16.73 -18.84 2.12
CA ASP A 94 15.38 -19.25 2.51
C ASP A 94 15.42 -20.37 3.53
N THR A 95 16.36 -20.31 4.48
CA THR A 95 16.52 -21.44 5.39
C THR A 95 15.60 -21.48 6.60
N VAL A 96 14.70 -20.49 6.81
CA VAL A 96 13.59 -20.55 7.81
C VAL A 96 12.57 -21.59 7.37
N GLU A 97 12.57 -22.00 6.09
CA GLU A 97 11.59 -22.94 5.62
C GLU A 97 11.81 -24.30 6.22
N LEU A 98 13.04 -24.55 6.69
CA LEU A 98 13.37 -25.83 7.27
C LEU A 98 12.80 -26.02 8.66
N LYS A 99 12.38 -24.94 9.30
CA LYS A 99 11.73 -24.96 10.61
C LYS A 99 12.55 -25.51 11.76
N GLY A 100 13.86 -25.64 11.52
CA GLY A 100 14.82 -26.06 12.55
C GLY A 100 15.76 -27.16 12.08
N GLU A 101 15.23 -28.07 11.28
CA GLU A 101 15.95 -29.21 10.73
C GLU A 101 17.39 -28.94 10.26
N GLY A 102 18.29 -29.60 11.00
CA GLY A 102 19.73 -29.52 10.76
C GLY A 102 20.43 -28.56 11.70
N PHE A 103 19.78 -27.84 12.60
CA PHE A 103 20.48 -26.87 13.45
C PHE A 103 20.28 -27.03 14.95
N LYS A 104 21.36 -27.27 15.65
CA LYS A 104 21.35 -27.37 17.10
C LYS A 104 21.94 -26.04 17.56
N ARG A 105 21.20 -25.23 18.31
CA ARG A 105 21.72 -23.94 18.79
C ARG A 105 22.72 -24.16 19.92
N ILE A 106 23.90 -23.53 19.91
CA ILE A 106 24.70 -23.64 21.11
C ILE A 106 24.68 -22.34 21.85
N ALA A 107 25.33 -21.21 21.54
CA ALA A 107 25.22 -20.04 22.41
C ALA A 107 23.83 -19.46 22.68
N GLU A 108 23.88 -18.56 23.65
CA GLU A 108 22.72 -17.89 24.19
C GLU A 108 22.51 -16.50 23.57
N GLU A 109 21.20 -16.20 23.35
CA GLU A 109 20.70 -15.01 22.69
C GLU A 109 21.43 -13.71 22.90
N GLY A 110 21.90 -13.42 24.12
CA GLY A 110 22.62 -12.18 24.39
C GLY A 110 23.95 -12.39 25.09
N GLN A 111 24.68 -13.40 24.61
CA GLN A 111 25.92 -13.80 25.26
C GLN A 111 27.25 -13.23 24.75
N ARG A 112 28.06 -12.87 25.74
CA ARG A 112 29.45 -12.45 25.56
C ARG A 112 30.19 -13.65 24.94
N VAL A 113 30.82 -13.46 23.79
CA VAL A 113 31.61 -14.49 23.16
C VAL A 113 32.92 -13.90 22.68
N LYS A 114 33.95 -14.75 22.73
CA LYS A 114 35.24 -14.44 22.14
C LYS A 114 35.29 -15.13 20.77
N VAL A 115 36.14 -14.68 19.83
CA VAL A 115 36.31 -15.33 18.53
C VAL A 115 36.44 -16.86 18.59
N GLY A 116 35.86 -17.59 17.64
CA GLY A 116 36.00 -19.04 17.62
C GLY A 116 35.03 -19.78 18.51
N ASP A 117 34.36 -19.05 19.41
CA ASP A 117 33.33 -19.64 20.26
C ASP A 117 32.18 -20.22 19.48
N THR A 118 31.89 -21.52 19.53
CA THR A 118 30.71 -22.07 18.86
C THR A 118 29.46 -21.32 19.30
N VAL A 119 28.64 -21.04 18.26
CA VAL A 119 27.34 -20.44 18.51
C VAL A 119 26.25 -21.29 17.90
N ILE A 120 26.49 -22.03 16.80
CA ILE A 120 25.50 -22.93 16.20
C ILE A 120 26.18 -24.12 15.54
N GLU A 121 25.64 -25.32 15.71
CA GLU A 121 26.14 -26.48 15.01
C GLU A 121 25.13 -26.93 13.96
N PHE A 122 25.59 -27.45 12.83
CA PHE A 122 24.68 -27.82 11.79
C PHE A 122 25.05 -29.15 11.15
N ASP A 123 24.04 -29.70 10.47
CA ASP A 123 24.10 -31.00 9.84
C ASP A 123 24.21 -30.84 8.33
N LEU A 124 25.38 -30.47 7.81
CA LEU A 124 25.55 -30.22 6.37
C LEU A 124 25.11 -31.24 5.32
N PRO A 125 25.09 -32.58 5.51
CA PRO A 125 24.57 -33.53 4.53
C PRO A 125 23.08 -33.34 4.31
N LEU A 126 22.38 -33.10 5.41
CA LEU A 126 20.95 -32.84 5.39
C LEU A 126 20.70 -31.54 4.63
N LEU A 127 21.39 -30.51 5.15
CA LEU A 127 21.36 -29.16 4.64
C LEU A 127 21.80 -29.07 3.19
N GLU A 128 22.57 -29.98 2.60
CA GLU A 128 22.88 -29.83 1.19
C GLU A 128 21.78 -30.38 0.34
N GLU A 129 21.07 -31.37 0.87
CA GLU A 129 19.99 -32.04 0.14
C GLU A 129 18.71 -31.20 0.04
N LYS A 130 18.44 -30.61 1.19
CA LYS A 130 17.25 -29.84 1.45
C LYS A 130 17.39 -28.33 1.22
N ALA A 131 18.27 -27.54 1.83
CA ALA A 131 18.30 -26.10 1.58
C ALA A 131 18.56 -25.74 0.11
N LYS A 132 17.91 -24.67 -0.36
CA LYS A 132 18.00 -24.24 -1.76
C LYS A 132 19.40 -23.82 -2.16
N SER A 133 20.05 -23.24 -1.16
CA SER A 133 21.46 -22.93 -1.22
C SER A 133 21.99 -22.97 0.20
N THR A 134 23.23 -23.41 0.22
CA THR A 134 24.01 -23.55 1.43
C THR A 134 24.98 -22.37 1.63
N LEU A 135 25.19 -21.48 0.64
CA LEU A 135 26.05 -20.31 0.76
C LEU A 135 25.73 -19.43 1.97
N THR A 136 26.71 -19.12 2.81
CA THR A 136 26.47 -18.44 4.07
C THR A 136 26.94 -16.99 4.08
N PRO A 137 26.10 -15.99 3.80
CA PRO A 137 26.46 -14.57 3.92
C PRO A 137 26.93 -14.06 5.27
N VAL A 138 28.14 -13.54 5.33
CA VAL A 138 28.55 -12.83 6.54
C VAL A 138 28.75 -11.42 6.04
N VAL A 139 27.85 -10.58 6.57
CA VAL A 139 27.76 -9.16 6.21
C VAL A 139 27.78 -8.20 7.38
N ILE A 140 28.39 -7.03 7.13
CA ILE A 140 28.36 -5.92 8.08
C ILE A 140 27.02 -5.25 7.76
N SER A 141 26.12 -5.22 8.75
CA SER A 141 24.82 -4.56 8.62
C SER A 141 24.87 -3.09 9.04
N ASN A 142 26.02 -2.75 9.67
CA ASN A 142 26.39 -1.47 10.24
C ASN A 142 27.06 -0.57 9.20
N MET A 143 26.84 -0.78 7.91
CA MET A 143 27.72 -0.15 6.92
C MET A 143 27.79 1.33 6.70
N ASP A 144 26.90 2.07 7.36
CA ASP A 144 26.97 3.52 7.32
C ASP A 144 28.27 3.89 8.01
N GLU A 145 28.37 3.33 9.21
CA GLU A 145 29.45 3.65 10.12
C GLU A 145 30.88 3.21 9.77
N ILE A 146 31.10 2.38 8.73
CA ILE A 146 32.47 1.95 8.45
C ILE A 146 32.93 2.55 7.13
N LYS A 147 34.14 3.13 7.20
CA LYS A 147 34.79 3.83 6.08
C LYS A 147 35.35 2.98 4.94
N GLU A 148 36.01 1.83 5.20
CA GLU A 148 36.63 1.02 4.14
C GLU A 148 36.45 -0.49 4.34
N LEU A 149 36.13 -1.27 3.31
CA LEU A 149 35.87 -2.69 3.51
C LEU A 149 36.63 -3.53 2.50
N ILE A 150 37.58 -4.23 3.11
CA ILE A 150 38.54 -5.07 2.42
C ILE A 150 38.03 -6.51 2.48
N LYS A 151 37.99 -7.15 1.31
CA LYS A 151 37.47 -8.50 1.21
C LYS A 151 38.49 -9.54 0.78
N LEU A 152 38.68 -10.55 1.63
CA LEU A 152 39.64 -11.60 1.34
C LEU A 152 39.07 -12.70 0.47
N SER A 153 39.90 -13.69 0.08
CA SER A 153 39.49 -14.74 -0.85
C SER A 153 40.06 -16.12 -0.56
N GLY A 154 39.64 -17.14 -1.30
CA GLY A 154 40.14 -18.50 -1.15
C GLY A 154 39.57 -19.34 0.00
N SER A 155 40.34 -20.32 0.47
CA SER A 155 39.94 -21.13 1.60
C SER A 155 40.01 -20.40 2.93
N VAL A 156 39.06 -20.77 3.79
CA VAL A 156 39.04 -20.32 5.18
C VAL A 156 38.72 -21.53 6.06
N THR A 157 39.17 -21.43 7.31
CA THR A 157 38.96 -22.43 8.32
C THR A 157 38.31 -21.71 9.49
N VAL A 158 37.27 -22.33 10.04
CA VAL A 158 36.49 -21.77 11.12
C VAL A 158 37.27 -21.28 12.32
N GLY A 159 37.09 -20.05 12.75
CA GLY A 159 37.80 -19.54 13.92
C GLY A 159 39.27 -19.20 13.65
N GLU A 160 39.72 -19.36 12.41
CA GLU A 160 41.12 -19.15 12.12
C GLU A 160 41.41 -18.09 11.09
N THR A 161 40.93 -18.34 9.87
CA THR A 161 41.21 -17.51 8.71
C THR A 161 40.45 -16.20 8.69
N PRO A 162 41.08 -15.05 8.39
CA PRO A 162 40.39 -13.78 8.15
C PRO A 162 39.63 -13.68 6.84
N VAL A 163 38.40 -13.14 6.91
CA VAL A 163 37.56 -12.91 5.73
C VAL A 163 37.42 -11.44 5.37
N ILE A 164 37.32 -10.53 6.33
CA ILE A 164 37.15 -9.11 6.04
C ILE A 164 38.05 -8.27 6.95
N ARG A 165 38.41 -7.09 6.42
CA ARG A 165 39.22 -6.12 7.11
C ARG A 165 38.49 -4.80 6.99
N ILE A 166 37.85 -4.37 8.07
CA ILE A 166 37.17 -3.09 8.02
C ILE A 166 38.02 -2.04 8.76
N LYS A 167 38.07 -0.81 8.25
CA LYS A 167 38.78 0.25 8.97
C LYS A 167 37.75 1.30 9.44
N LYS A 168 37.96 1.87 10.64
CA LYS A 168 37.01 2.86 11.16
C LYS A 168 37.65 4.20 11.58
N LYS B 4 -3.61 35.10 1.27
CA LYS B 4 -4.75 34.28 0.87
C LYS B 4 -4.52 32.77 1.07
N TYR B 5 -5.59 31.98 0.97
CA TYR B 5 -5.60 30.53 1.23
C TYR B 5 -6.31 29.73 0.15
N ILE B 6 -6.06 28.41 0.14
CA ILE B 6 -6.75 27.48 -0.74
C ILE B 6 -7.47 26.53 0.20
N VAL B 7 -8.73 26.24 -0.08
CA VAL B 7 -9.44 25.26 0.71
C VAL B 7 -9.59 23.97 -0.09
N ALA B 8 -9.23 22.87 0.57
CA ALA B 8 -9.35 21.54 0.00
C ALA B 8 -10.48 20.79 0.68
N LEU B 9 -11.37 20.17 -0.08
CA LEU B 9 -12.47 19.39 0.49
C LEU B 9 -12.33 17.90 0.15
N ASP B 10 -11.70 17.21 1.09
CA ASP B 10 -11.42 15.79 1.05
C ASP B 10 -12.55 14.92 1.57
N GLN B 11 -13.22 14.10 0.78
CA GLN B 11 -14.36 13.35 1.26
C GLN B 11 -14.06 11.86 1.14
N GLY B 12 -13.84 11.31 2.33
CA GLY B 12 -13.42 9.93 2.42
C GLY B 12 -14.58 8.95 2.52
N THR B 13 -14.15 7.68 2.54
CA THR B 13 -15.05 6.55 2.66
C THR B 13 -15.70 6.50 4.02
N THR B 14 -14.97 6.98 5.02
CA THR B 14 -15.36 6.85 6.42
C THR B 14 -15.43 8.19 7.12
N SER B 15 -15.03 9.29 6.47
CA SER B 15 -14.91 10.60 7.10
C SER B 15 -14.98 11.74 6.11
N SER B 16 -15.12 12.98 6.60
CA SER B 16 -15.05 14.16 5.75
C SER B 16 -14.07 15.17 6.35
N ARG B 17 -13.13 15.53 5.51
CA ARG B 17 -12.04 16.39 5.87
C ARG B 17 -12.05 17.61 4.98
N ALA B 18 -11.81 18.78 5.59
CA ALA B 18 -11.66 20.04 4.90
C ALA B 18 -10.42 20.61 5.54
N VAL B 19 -9.53 21.12 4.72
CA VAL B 19 -8.30 21.72 5.22
C VAL B 19 -8.00 23.01 4.48
N VAL B 20 -7.62 23.99 5.30
CA VAL B 20 -7.20 25.32 4.86
C VAL B 20 -5.68 25.36 4.77
N MET B 21 -5.25 25.88 3.63
CA MET B 21 -3.85 25.88 3.27
C MET B 21 -3.35 27.27 2.86
N ASP B 22 -2.19 27.78 3.33
CA ASP B 22 -1.71 29.07 2.87
C ASP B 22 -0.83 28.94 1.63
N HIS B 23 -0.15 30.00 1.17
CA HIS B 23 0.77 29.94 0.02
C HIS B 23 2.03 29.16 0.44
N ASP B 24 2.46 28.20 -0.41
CA ASP B 24 3.46 27.17 -0.07
C ASP B 24 2.98 26.31 1.12
N ALA B 25 2.18 25.35 0.66
CA ALA B 25 1.47 24.32 1.38
C ALA B 25 1.31 24.17 2.90
N ASN B 26 1.39 25.23 3.72
CA ASN B 26 1.22 25.03 5.16
C ASN B 26 -0.22 24.78 5.56
N ILE B 27 -0.35 23.67 6.31
CA ILE B 27 -1.66 23.28 6.84
C ILE B 27 -1.84 24.28 7.97
N ILE B 28 -2.78 25.18 7.68
CA ILE B 28 -3.11 26.25 8.61
C ILE B 28 -4.28 25.80 9.46
N SER B 29 -5.20 24.97 8.91
CA SER B 29 -6.36 24.47 9.67
C SER B 29 -6.96 23.21 9.04
N VAL B 30 -7.55 22.33 9.87
CA VAL B 30 -8.09 21.05 9.39
C VAL B 30 -9.36 20.63 10.14
N SER B 31 -10.21 19.81 9.53
CA SER B 31 -11.44 19.33 10.15
C SER B 31 -11.79 17.97 9.60
N GLN B 32 -12.07 17.06 10.52
CA GLN B 32 -12.40 15.69 10.16
C GLN B 32 -13.79 15.45 10.75
N ARG B 33 -14.68 14.70 10.11
CA ARG B 33 -15.98 14.44 10.68
C ARG B 33 -16.45 13.08 10.20
N GLU B 34 -16.65 12.13 11.13
CA GLU B 34 -17.02 10.78 10.71
C GLU B 34 -18.48 10.61 10.45
N PHE B 35 -18.83 9.61 9.64
CA PHE B 35 -20.21 9.31 9.30
C PHE B 35 -20.45 7.80 9.25
N GLU B 36 -21.70 7.37 9.34
CA GLU B 36 -21.99 5.96 9.41
C GLU B 36 -21.62 5.18 8.15
N GLN B 37 -21.36 3.88 8.35
CA GLN B 37 -21.15 2.94 7.28
C GLN B 37 -22.35 2.02 7.47
N ILE B 38 -23.14 1.88 6.44
CA ILE B 38 -24.37 1.14 6.51
C ILE B 38 -24.18 -0.23 5.91
N TYR B 39 -24.49 -1.32 6.62
CA TYR B 39 -24.34 -2.64 6.01
C TYR B 39 -25.66 -3.38 5.91
N PRO B 40 -26.51 -3.22 4.90
CA PRO B 40 -27.79 -3.94 4.79
C PRO B 40 -27.76 -5.46 4.72
N LYS B 41 -26.98 -6.04 3.81
CA LYS B 41 -26.74 -7.48 3.68
C LYS B 41 -25.26 -7.66 4.02
N PRO B 42 -24.69 -8.86 4.30
CA PRO B 42 -23.27 -9.03 4.55
C PRO B 42 -22.34 -8.52 3.46
N GLY B 43 -22.37 -8.99 2.22
CA GLY B 43 -21.42 -8.45 1.25
C GLY B 43 -21.52 -6.95 0.91
N TRP B 44 -22.63 -6.34 1.28
CA TRP B 44 -23.01 -4.97 0.95
C TRP B 44 -22.46 -3.85 1.84
N VAL B 45 -22.14 -2.70 1.20
CA VAL B 45 -21.74 -1.50 1.93
C VAL B 45 -22.53 -0.33 1.35
N GLU B 46 -22.77 0.73 2.14
CA GLU B 46 -23.65 1.80 1.75
C GLU B 46 -23.44 3.01 2.61
N HIS B 47 -23.63 4.22 2.04
CA HIS B 47 -23.58 5.49 2.78
C HIS B 47 -24.86 6.26 2.47
N ASP B 48 -25.24 7.15 3.38
CA ASP B 48 -26.36 8.02 3.13
C ASP B 48 -25.82 9.36 2.57
N PRO B 49 -26.08 9.72 1.29
CA PRO B 49 -25.58 10.91 0.60
C PRO B 49 -25.81 12.20 1.37
N MET B 50 -26.87 12.22 2.17
CA MET B 50 -27.18 13.34 3.03
C MET B 50 -26.20 13.41 4.20
N GLU B 51 -25.68 12.27 4.75
CA GLU B 51 -24.68 12.33 5.82
C GLU B 51 -23.34 12.71 5.21
N ILE B 52 -23.01 12.24 4.00
CA ILE B 52 -21.83 12.67 3.23
C ILE B 52 -21.81 14.20 3.00
N TRP B 53 -23.01 14.78 2.75
CA TRP B 53 -23.17 16.21 2.57
C TRP B 53 -23.23 16.92 3.90
N ALA B 54 -23.89 16.34 4.89
CA ALA B 54 -24.00 16.94 6.20
C ALA B 54 -22.64 17.17 6.83
N THR B 55 -21.77 16.15 6.80
CA THR B 55 -20.43 16.25 7.37
C THR B 55 -19.51 17.12 6.51
N GLN B 56 -19.44 16.89 5.20
CA GLN B 56 -18.56 17.67 4.32
C GLN B 56 -18.85 19.18 4.24
N SER B 57 -20.09 19.60 4.58
CA SER B 57 -20.47 21.01 4.60
C SER B 57 -20.10 21.59 5.93
N SER B 58 -20.40 20.85 7.01
CA SER B 58 -20.07 21.34 8.35
C SER B 58 -18.56 21.39 8.57
N THR B 59 -17.79 20.56 7.84
CA THR B 59 -16.33 20.56 7.95
C THR B 59 -15.76 21.81 7.31
N LEU B 60 -16.43 22.21 6.20
CA LEU B 60 -16.07 23.41 5.47
C LEU B 60 -16.29 24.67 6.31
N VAL B 61 -17.40 24.68 7.06
CA VAL B 61 -17.73 25.80 7.93
C VAL B 61 -16.88 25.74 9.20
N GLU B 62 -16.32 24.59 9.60
CA GLU B 62 -15.44 24.48 10.75
C GLU B 62 -14.08 25.13 10.56
N VAL B 63 -13.26 24.63 9.60
CA VAL B 63 -11.89 25.13 9.31
C VAL B 63 -11.61 26.61 9.20
N LEU B 64 -12.58 27.28 8.58
CA LEU B 64 -12.51 28.71 8.41
C LEU B 64 -12.78 29.35 9.78
N ALA B 65 -13.86 28.95 10.46
CA ALA B 65 -14.21 29.50 11.77
C ALA B 65 -13.11 29.33 12.78
N LYS B 66 -12.43 28.19 12.69
CA LYS B 66 -11.33 27.89 13.59
C LYS B 66 -10.22 28.92 13.46
N ALA B 67 -9.96 29.26 12.19
CA ALA B 67 -8.94 30.23 11.84
C ALA B 67 -9.43 31.66 11.51
N ASP B 68 -10.69 31.99 11.85
CA ASP B 68 -11.42 33.18 11.38
C ASP B 68 -11.06 33.71 9.98
N ILE B 69 -11.70 33.06 8.99
CA ILE B 69 -11.51 33.30 7.56
C ILE B 69 -12.87 33.09 6.86
N SER B 70 -13.26 33.79 5.76
CA SER B 70 -14.52 33.51 5.05
C SER B 70 -14.60 34.11 3.66
N SER B 71 -14.62 33.32 2.57
CA SER B 71 -14.84 33.77 1.19
C SER B 71 -13.78 34.71 0.59
N ASP B 72 -13.75 35.90 1.18
CA ASP B 72 -12.83 36.99 0.91
C ASP B 72 -11.38 36.56 0.70
N GLN B 73 -10.81 35.80 1.68
CA GLN B 73 -9.45 35.29 1.57
C GLN B 73 -9.18 34.03 0.78
N ILE B 74 -10.21 33.31 0.31
CA ILE B 74 -9.89 32.06 -0.32
C ILE B 74 -9.95 32.14 -1.84
N ALA B 75 -8.77 31.89 -2.36
CA ALA B 75 -8.54 31.92 -3.79
C ALA B 75 -9.37 30.93 -4.57
N ALA B 76 -9.45 29.69 -4.08
CA ALA B 76 -10.16 28.60 -4.75
C ALA B 76 -10.49 27.40 -3.86
N ILE B 77 -11.32 26.48 -4.36
CA ILE B 77 -11.70 25.27 -3.66
C ILE B 77 -11.49 24.05 -4.57
N GLY B 78 -10.64 23.16 -4.07
CA GLY B 78 -10.36 21.88 -4.69
C GLY B 78 -11.18 20.79 -4.01
N ILE B 79 -11.42 19.67 -4.69
CA ILE B 79 -12.22 18.58 -4.20
C ILE B 79 -11.55 17.24 -4.50
N THR B 80 -11.32 16.50 -3.40
CA THR B 80 -10.95 15.10 -3.48
C THR B 80 -12.06 14.25 -2.89
N ASN B 81 -12.25 13.07 -3.46
CA ASN B 81 -13.34 12.22 -3.06
C ASN B 81 -13.05 10.73 -3.23
N GLN B 82 -13.71 9.90 -2.41
CA GLN B 82 -13.69 8.45 -2.58
C GLN B 82 -14.21 8.19 -3.98
N ARG B 83 -13.57 7.36 -4.76
CA ARG B 83 -14.00 7.10 -6.10
C ARG B 83 -15.07 6.00 -6.18
N GLU B 84 -15.61 5.74 -7.36
CA GLU B 84 -16.64 4.77 -7.66
C GLU B 84 -18.04 4.79 -7.05
N THR B 85 -18.25 5.31 -5.84
CA THR B 85 -19.58 5.16 -5.24
C THR B 85 -20.61 6.02 -5.95
N THR B 86 -21.54 5.30 -6.60
CA THR B 86 -22.66 5.86 -7.34
C THR B 86 -23.76 6.46 -6.51
N ILE B 87 -24.28 7.60 -6.97
CA ILE B 87 -25.43 8.28 -6.37
C ILE B 87 -26.38 8.74 -7.47
N VAL B 88 -27.69 8.50 -7.36
CA VAL B 88 -28.70 8.97 -8.31
C VAL B 88 -29.71 9.82 -7.55
N TRP B 89 -29.84 11.11 -7.86
CA TRP B 89 -30.75 11.94 -7.08
C TRP B 89 -31.79 12.68 -7.91
N GLU B 90 -32.56 13.51 -7.22
CA GLU B 90 -33.57 14.31 -7.85
C GLU B 90 -33.12 15.74 -8.05
N LYS B 91 -33.27 16.00 -9.36
CA LYS B 91 -32.92 17.26 -9.95
C LYS B 91 -33.61 18.42 -9.30
N GLU B 92 -34.94 18.38 -9.07
CA GLU B 92 -35.62 19.54 -8.48
C GLU B 92 -35.29 19.70 -7.01
N THR B 93 -35.78 18.73 -6.27
CA THR B 93 -35.60 18.58 -4.83
C THR B 93 -34.19 18.48 -4.21
N GLY B 94 -33.32 17.61 -4.72
CA GLY B 94 -31.95 17.46 -4.17
C GLY B 94 -31.94 16.39 -3.08
N LYS B 95 -32.57 15.30 -3.52
CA LYS B 95 -32.94 14.18 -2.70
C LYS B 95 -32.66 12.91 -3.50
N PRO B 96 -31.83 11.98 -3.01
CA PRO B 96 -31.46 10.77 -3.75
C PRO B 96 -32.57 9.75 -3.78
N ILE B 97 -32.74 9.00 -4.88
CA ILE B 97 -33.72 7.92 -4.89
C ILE B 97 -33.19 6.65 -4.18
N TYR B 98 -32.00 6.76 -3.53
CA TYR B 98 -31.29 5.70 -2.85
C TYR B 98 -29.99 6.23 -2.22
N ASN B 99 -29.52 5.47 -1.23
CA ASN B 99 -28.23 5.60 -0.56
C ASN B 99 -27.06 5.46 -1.53
N ALA B 100 -25.93 6.12 -1.25
CA ALA B 100 -24.74 5.92 -2.05
C ALA B 100 -24.29 4.47 -1.95
N ILE B 101 -24.32 3.68 -3.02
CA ILE B 101 -23.76 2.32 -2.98
C ILE B 101 -22.23 2.46 -3.04
N VAL B 102 -21.45 2.01 -2.07
CA VAL B 102 -20.02 2.30 -2.03
C VAL B 102 -19.19 1.48 -3.01
N TRP B 103 -17.94 1.90 -3.30
CA TRP B 103 -16.96 1.17 -4.13
C TRP B 103 -16.70 -0.27 -3.64
N GLN B 104 -16.65 -0.38 -2.30
CA GLN B 104 -16.56 -1.64 -1.59
C GLN B 104 -17.67 -2.62 -1.90
N CYS B 105 -18.92 -2.17 -1.82
CA CYS B 105 -20.10 -2.99 -2.00
C CYS B 105 -20.08 -3.97 -3.17
N ARG B 106 -20.47 -5.19 -2.81
CA ARG B 106 -20.46 -6.33 -3.69
C ARG B 106 -21.83 -6.71 -4.24
N ARG B 107 -22.94 -5.95 -4.08
CA ARG B 107 -24.21 -6.45 -4.61
C ARG B 107 -24.29 -6.64 -6.10
N THR B 108 -23.56 -5.89 -6.93
CA THR B 108 -23.74 -5.97 -8.38
C THR B 108 -22.89 -7.04 -9.05
N ALA B 109 -22.61 -8.12 -8.33
CA ALA B 109 -21.76 -9.19 -8.80
C ALA B 109 -22.47 -10.10 -9.80
N GLU B 110 -23.81 -10.07 -9.67
CA GLU B 110 -24.76 -10.84 -10.48
C GLU B 110 -24.79 -10.24 -11.88
N ILE B 111 -24.86 -8.89 -11.90
CA ILE B 111 -24.84 -8.10 -13.13
C ILE B 111 -23.50 -8.36 -13.83
N CYS B 112 -22.41 -8.23 -13.05
CA CYS B 112 -21.04 -8.46 -13.50
C CYS B 112 -20.80 -9.82 -14.15
N GLU B 113 -21.50 -10.82 -13.63
CA GLU B 113 -21.38 -12.15 -14.15
C GLU B 113 -22.05 -12.27 -15.52
N HIS B 114 -23.11 -11.49 -15.77
CA HIS B 114 -23.76 -11.51 -17.08
C HIS B 114 -22.87 -10.83 -18.10
N LEU B 115 -22.28 -9.67 -17.76
CA LEU B 115 -21.38 -8.95 -18.65
C LEU B 115 -20.21 -9.83 -19.09
N LYS B 116 -19.83 -10.83 -18.28
CA LYS B 116 -18.78 -11.74 -18.67
C LYS B 116 -19.34 -12.84 -19.55
N ARG B 117 -20.55 -13.33 -19.25
CA ARG B 117 -21.10 -14.44 -20.01
C ARG B 117 -21.50 -14.01 -21.40
N ASP B 118 -21.68 -12.70 -21.62
CA ASP B 118 -21.83 -12.15 -22.96
C ASP B 118 -20.51 -12.25 -23.72
N GLY B 119 -19.51 -11.52 -23.24
CA GLY B 119 -18.20 -11.50 -23.86
C GLY B 119 -17.69 -10.07 -23.94
N LEU B 120 -18.21 -9.24 -23.03
CA LEU B 120 -17.86 -7.84 -22.98
C LEU B 120 -16.67 -7.57 -22.11
N GLU B 121 -15.83 -8.56 -21.78
CA GLU B 121 -14.67 -8.31 -20.96
C GLU B 121 -13.51 -7.73 -21.77
N ASP B 122 -13.20 -8.25 -22.96
CA ASP B 122 -12.16 -7.62 -23.78
C ASP B 122 -12.50 -6.21 -24.23
N TYR B 123 -13.80 -5.86 -24.29
CA TYR B 123 -14.28 -4.53 -24.66
C TYR B 123 -14.00 -3.56 -23.52
N ILE B 124 -14.62 -3.82 -22.35
CA ILE B 124 -14.50 -2.99 -21.17
C ILE B 124 -13.06 -2.90 -20.70
N ARG B 125 -12.24 -3.94 -20.90
CA ARG B 125 -10.83 -3.86 -20.55
C ARG B 125 -10.07 -2.85 -21.40
N SER B 126 -10.18 -3.07 -22.71
CA SER B 126 -9.46 -2.27 -23.68
C SER B 126 -9.99 -0.86 -23.89
N ASN B 127 -11.24 -0.46 -23.58
CA ASN B 127 -11.73 0.92 -23.70
C ASN B 127 -11.89 1.67 -22.37
N THR B 128 -11.91 0.99 -21.22
CA THR B 128 -12.01 1.70 -19.95
C THR B 128 -10.75 1.53 -19.14
N GLY B 129 -9.92 0.52 -19.48
CA GLY B 129 -8.74 0.19 -18.69
C GLY B 129 -9.10 -0.58 -17.42
N LEU B 130 -10.38 -0.87 -17.22
CA LEU B 130 -10.85 -1.48 -16.02
C LEU B 130 -11.14 -2.95 -16.23
N VAL B 131 -11.73 -3.56 -15.20
CA VAL B 131 -11.94 -5.00 -15.13
C VAL B 131 -13.41 -5.16 -14.67
N ILE B 132 -14.16 -6.17 -15.17
CA ILE B 132 -15.55 -6.38 -14.77
C ILE B 132 -15.52 -6.80 -13.32
N ASP B 133 -15.92 -5.86 -12.49
CA ASP B 133 -15.97 -6.10 -11.07
C ASP B 133 -17.14 -5.33 -10.44
N PRO B 134 -17.71 -5.70 -9.29
CA PRO B 134 -18.65 -4.89 -8.53
C PRO B 134 -18.16 -3.52 -8.10
N TYR B 135 -16.85 -3.35 -8.14
CA TYR B 135 -16.15 -2.18 -7.63
C TYR B 135 -16.54 -0.90 -8.34
N PHE B 136 -16.75 -0.94 -9.65
CA PHE B 136 -17.03 0.26 -10.41
C PHE B 136 -18.52 0.62 -10.45
N SER B 137 -18.73 1.93 -10.68
CA SER B 137 -20.07 2.52 -10.69
C SER B 137 -21.00 2.06 -11.80
N GLY B 138 -20.50 1.57 -12.93
CA GLY B 138 -21.28 1.14 -14.07
C GLY B 138 -22.49 0.31 -13.71
N THR B 139 -22.19 -0.84 -13.11
CA THR B 139 -23.18 -1.80 -12.65
C THR B 139 -24.02 -1.33 -11.45
N LYS B 140 -23.45 -0.44 -10.64
CA LYS B 140 -24.14 0.06 -9.48
C LYS B 140 -25.33 0.94 -9.80
N VAL B 141 -25.24 1.68 -10.91
CA VAL B 141 -26.30 2.59 -11.40
C VAL B 141 -27.42 1.73 -11.95
N LYS B 142 -27.06 0.72 -12.77
CA LYS B 142 -28.04 -0.19 -13.34
C LYS B 142 -28.88 -0.79 -12.23
N TRP B 143 -28.25 -1.14 -11.11
CA TRP B 143 -28.91 -1.74 -9.96
C TRP B 143 -29.91 -0.79 -9.36
N ILE B 144 -29.54 0.48 -9.13
CA ILE B 144 -30.45 1.48 -8.57
C ILE B 144 -31.67 1.72 -9.47
N LEU B 145 -31.36 1.75 -10.77
CA LEU B 145 -32.32 1.96 -11.84
C LEU B 145 -33.29 0.79 -11.81
N ASP B 146 -32.83 -0.43 -12.15
CA ASP B 146 -33.59 -1.69 -12.01
C ASP B 146 -34.37 -1.94 -10.71
N HIS B 147 -34.08 -1.24 -9.61
CA HIS B 147 -34.80 -1.51 -8.38
C HIS B 147 -35.81 -0.45 -7.95
N VAL B 148 -35.61 0.82 -8.31
CA VAL B 148 -36.60 1.82 -7.97
C VAL B 148 -37.62 1.85 -9.11
N GLU B 149 -38.83 2.34 -8.80
CA GLU B 149 -39.98 2.32 -9.72
C GLU B 149 -39.90 3.27 -10.91
N GLY B 150 -39.91 4.60 -10.64
CA GLY B 150 -39.82 5.63 -11.69
C GLY B 150 -38.66 5.42 -12.66
N SER B 151 -37.46 5.43 -12.04
CA SER B 151 -36.15 5.22 -12.66
C SER B 151 -35.86 5.47 -14.14
N ARG B 152 -35.91 4.49 -15.05
CA ARG B 152 -35.57 4.70 -16.44
C ARG B 152 -36.60 5.42 -17.30
N GLU B 153 -37.66 5.98 -16.71
CA GLU B 153 -38.50 6.82 -17.51
C GLU B 153 -38.25 8.18 -16.95
N ARG B 154 -38.23 8.40 -15.63
CA ARG B 154 -37.80 9.70 -15.11
C ARG B 154 -36.40 10.12 -15.58
N ALA B 155 -35.66 9.09 -16.02
CA ALA B 155 -34.32 9.18 -16.55
C ALA B 155 -34.22 9.96 -17.86
N ARG B 156 -34.92 9.49 -18.90
CA ARG B 156 -34.97 10.19 -20.17
C ARG B 156 -35.72 11.51 -19.97
N ARG B 157 -36.86 11.51 -19.25
CA ARG B 157 -37.56 12.75 -18.92
C ARG B 157 -36.67 13.73 -18.13
N GLY B 158 -35.50 13.24 -17.65
CA GLY B 158 -34.44 14.07 -17.08
C GLY B 158 -34.63 14.56 -15.66
N GLU B 159 -35.46 13.88 -14.88
CA GLU B 159 -35.66 14.33 -13.52
C GLU B 159 -34.60 13.81 -12.57
N LEU B 160 -33.89 12.72 -12.94
CA LEU B 160 -32.84 12.20 -12.06
C LEU B 160 -31.42 12.17 -12.60
N LEU B 161 -30.50 12.56 -11.69
CA LEU B 161 -29.07 12.61 -11.99
C LEU B 161 -28.08 11.65 -11.29
N PHE B 162 -27.25 11.02 -12.14
CA PHE B 162 -26.09 10.24 -11.73
C PHE B 162 -24.99 11.11 -11.15
N GLY B 163 -24.22 10.52 -10.24
CA GLY B 163 -23.04 11.19 -9.74
C GLY B 163 -22.14 10.37 -8.83
N THR B 164 -20.83 10.46 -9.06
CA THR B 164 -19.93 9.96 -8.05
C THR B 164 -19.76 11.15 -7.09
N VAL B 165 -19.01 10.99 -5.98
CA VAL B 165 -19.07 11.97 -4.88
C VAL B 165 -18.58 13.37 -5.21
N ASP B 166 -17.72 13.49 -6.22
CA ASP B 166 -17.26 14.79 -6.68
C ASP B 166 -18.41 15.58 -7.31
N THR B 167 -19.25 14.92 -8.12
CA THR B 167 -20.33 15.65 -8.76
C THR B 167 -21.51 15.81 -7.81
N TRP B 168 -21.76 14.92 -6.84
CA TRP B 168 -22.82 15.18 -5.86
C TRP B 168 -22.43 16.41 -5.01
N LEU B 169 -21.17 16.55 -4.57
CA LEU B 169 -20.81 17.66 -3.72
C LEU B 169 -20.86 19.02 -4.40
N ILE B 170 -20.47 19.12 -5.67
CA ILE B 170 -20.53 20.40 -6.36
C ILE B 170 -21.97 20.75 -6.68
N TRP B 171 -22.85 19.79 -7.03
CA TRP B 171 -24.27 20.04 -7.32
C TRP B 171 -24.95 20.51 -6.04
N LYS B 172 -24.47 20.14 -4.85
CA LYS B 172 -25.01 20.72 -3.64
C LYS B 172 -24.37 22.08 -3.33
N MET B 173 -23.12 22.34 -3.77
CA MET B 173 -22.45 23.60 -3.51
C MET B 173 -22.86 24.76 -4.42
N THR B 174 -23.32 24.43 -5.63
CA THR B 174 -23.71 25.45 -6.56
C THR B 174 -25.22 25.41 -6.72
N GLN B 175 -25.93 25.06 -5.65
CA GLN B 175 -27.38 24.96 -5.63
C GLN B 175 -28.09 24.33 -6.82
N GLY B 176 -27.39 23.47 -7.59
CA GLY B 176 -27.95 22.77 -8.74
C GLY B 176 -27.40 23.21 -10.08
N ARG B 177 -26.73 24.37 -10.05
CA ARG B 177 -26.22 25.02 -11.26
C ARG B 177 -25.34 24.17 -12.12
N VAL B 178 -24.14 23.80 -11.61
CA VAL B 178 -23.23 22.99 -12.40
C VAL B 178 -23.25 21.51 -11.99
N HIS B 179 -23.26 20.66 -13.02
CA HIS B 179 -23.26 19.22 -12.90
C HIS B 179 -22.06 18.69 -13.73
N VAL B 180 -20.96 18.58 -12.98
CA VAL B 180 -19.66 18.24 -13.56
C VAL B 180 -18.78 17.19 -12.87
N THR B 181 -18.15 16.37 -13.70
CA THR B 181 -17.08 15.45 -13.27
C THR B 181 -15.75 16.02 -13.71
N ASP B 182 -14.68 15.32 -13.34
CA ASP B 182 -13.40 15.56 -13.98
C ASP B 182 -12.98 14.24 -14.66
N TYR B 183 -11.87 14.20 -15.41
CA TYR B 183 -11.45 12.98 -16.10
C TYR B 183 -11.04 11.81 -15.21
N THR B 184 -10.34 12.04 -14.08
CA THR B 184 -9.91 10.97 -13.19
C THR B 184 -11.12 10.28 -12.60
N ASN B 185 -12.13 11.01 -12.11
CA ASN B 185 -13.29 10.36 -11.56
C ASN B 185 -14.09 9.66 -12.62
N ALA B 186 -14.30 10.23 -13.82
CA ALA B 186 -15.08 9.53 -14.82
C ALA B 186 -14.44 8.24 -15.33
N SER B 187 -13.10 8.14 -15.25
CA SER B 187 -12.39 6.96 -15.73
C SER B 187 -12.77 5.70 -14.98
N ARG B 188 -13.17 5.93 -13.74
CA ARG B 188 -13.56 4.93 -12.78
C ARG B 188 -14.94 4.30 -12.96
N THR B 189 -15.89 4.95 -13.64
CA THR B 189 -17.27 4.47 -13.74
C THR B 189 -17.54 3.28 -14.63
N MET B 190 -16.64 2.88 -15.54
CA MET B 190 -16.90 1.85 -16.56
C MET B 190 -17.96 2.25 -17.62
N LEU B 191 -18.30 3.55 -17.69
CA LEU B 191 -19.21 4.12 -18.66
C LEU B 191 -18.48 5.13 -19.57
N PHE B 192 -17.18 5.33 -19.35
CA PHE B 192 -16.42 6.38 -19.98
C PHE B 192 -15.24 5.77 -20.69
N ASN B 193 -15.15 6.08 -21.98
CA ASN B 193 -14.03 5.64 -22.79
C ASN B 193 -12.83 6.48 -22.38
N ILE B 194 -11.68 5.82 -22.33
CA ILE B 194 -10.45 6.37 -21.79
C ILE B 194 -9.56 6.84 -22.93
N HIS B 195 -9.82 6.41 -24.17
CA HIS B 195 -9.07 6.85 -25.34
C HIS B 195 -9.74 8.01 -26.06
N THR B 196 -11.06 7.91 -26.22
CA THR B 196 -11.94 8.89 -26.81
C THR B 196 -12.22 10.06 -25.86
N LEU B 197 -12.04 9.81 -24.57
CA LEU B 197 -12.22 10.75 -23.48
C LEU B 197 -13.62 11.30 -23.32
N ASP B 198 -14.60 10.53 -23.78
CA ASP B 198 -16.02 10.87 -23.65
C ASP B 198 -16.78 9.62 -23.17
N TRP B 199 -18.04 9.72 -22.75
CA TRP B 199 -18.82 8.57 -22.32
C TRP B 199 -18.89 7.57 -23.45
N ASP B 200 -18.54 6.32 -23.12
CA ASP B 200 -18.62 5.19 -24.05
C ASP B 200 -20.07 4.78 -24.13
N ASP B 201 -20.57 4.62 -25.36
CA ASP B 201 -21.98 4.34 -25.51
C ASP B 201 -22.37 2.96 -25.98
N LYS B 202 -21.40 2.03 -26.03
CA LYS B 202 -21.72 0.59 -26.09
C LYS B 202 -21.99 0.19 -24.63
N MET B 203 -21.23 0.77 -23.69
CA MET B 203 -21.41 0.52 -22.28
C MET B 203 -22.76 1.01 -21.84
N LEU B 204 -23.05 2.26 -22.18
CA LEU B 204 -24.28 2.96 -21.82
C LEU B 204 -25.52 2.24 -22.33
N GLU B 205 -25.36 1.56 -23.48
CA GLU B 205 -26.35 0.68 -24.06
C GLU B 205 -26.67 -0.54 -23.19
N VAL B 206 -25.56 -1.30 -22.97
CA VAL B 206 -25.48 -2.55 -22.26
C VAL B 206 -26.04 -2.51 -20.85
N LEU B 207 -25.84 -1.39 -20.16
CA LEU B 207 -26.31 -1.22 -18.82
C LEU B 207 -27.60 -0.40 -18.69
N ASP B 208 -28.20 -0.15 -19.87
CA ASP B 208 -29.39 0.67 -20.09
C ASP B 208 -29.46 1.88 -19.18
N ILE B 209 -28.43 2.69 -19.37
CA ILE B 209 -28.33 3.95 -18.64
C ILE B 209 -28.61 4.98 -19.72
N PRO B 210 -29.55 5.89 -19.49
CA PRO B 210 -29.70 7.11 -20.29
C PRO B 210 -28.57 8.12 -20.13
N ARG B 211 -28.11 8.59 -21.29
CA ARG B 211 -27.05 9.58 -21.37
C ARG B 211 -27.45 10.93 -20.77
N GLU B 212 -28.73 11.10 -20.42
CA GLU B 212 -29.26 12.32 -19.87
C GLU B 212 -28.82 12.51 -18.45
N MET B 213 -28.52 11.40 -17.74
CA MET B 213 -28.13 11.39 -16.32
C MET B 213 -26.75 11.94 -16.01
N LEU B 214 -25.87 11.65 -16.97
CA LEU B 214 -24.44 11.87 -16.84
C LEU B 214 -23.97 13.31 -16.70
N PRO B 215 -22.89 13.58 -15.97
CA PRO B 215 -22.25 14.87 -15.87
C PRO B 215 -21.41 15.24 -17.07
N GLU B 216 -21.01 16.51 -17.01
CA GLU B 216 -20.21 17.11 -18.05
C GLU B 216 -18.83 16.66 -17.57
N VAL B 217 -18.11 15.82 -18.32
CA VAL B 217 -16.78 15.48 -17.86
C VAL B 217 -15.84 16.62 -18.27
N ARG B 218 -15.05 17.09 -17.30
CA ARG B 218 -14.16 18.21 -17.54
C ARG B 218 -12.73 17.97 -17.05
N ARG B 219 -11.80 18.89 -17.22
CA ARG B 219 -10.46 18.76 -16.67
C ARG B 219 -10.47 18.77 -15.14
N SER B 220 -9.32 18.39 -14.54
CA SER B 220 -9.13 18.32 -13.10
C SER B 220 -8.65 19.67 -12.56
N SER B 221 -8.37 20.60 -13.47
CA SER B 221 -7.82 21.91 -13.14
C SER B 221 -8.48 22.80 -14.18
N GLU B 222 -9.51 23.51 -13.69
CA GLU B 222 -10.41 24.32 -14.49
C GLU B 222 -11.41 24.95 -13.53
N VAL B 223 -11.83 26.22 -13.63
CA VAL B 223 -12.90 26.73 -12.76
C VAL B 223 -14.19 26.14 -13.32
N TYR B 224 -14.99 25.48 -12.48
CA TYR B 224 -16.17 24.78 -12.97
C TYR B 224 -17.48 25.51 -12.74
N GLY B 225 -17.44 26.38 -11.71
CA GLY B 225 -18.54 27.19 -11.22
C GLY B 225 -18.10 27.97 -9.98
N GLN B 226 -18.97 28.71 -9.31
CA GLN B 226 -18.60 29.37 -8.06
C GLN B 226 -19.68 28.97 -7.07
N THR B 227 -19.32 29.05 -5.80
CA THR B 227 -20.21 28.71 -4.71
C THR B 227 -20.13 29.85 -3.73
N ASN B 228 -21.20 30.08 -2.97
CA ASN B 228 -21.15 31.09 -1.93
C ASN B 228 -20.86 30.34 -0.63
N ILE B 229 -19.70 29.67 -0.61
CA ILE B 229 -19.29 28.81 0.49
C ILE B 229 -18.97 29.47 1.84
N ILE B 237 -14.38 31.15 -3.17
CA ILE B 237 -15.60 31.09 -3.94
C ILE B 237 -15.53 30.29 -5.23
N PRO B 238 -14.55 30.29 -6.17
CA PRO B 238 -14.56 29.35 -7.30
C PRO B 238 -14.12 27.93 -6.94
N ILE B 239 -14.74 26.97 -7.60
CA ILE B 239 -14.39 25.56 -7.47
C ILE B 239 -13.45 25.32 -8.63
N SER B 240 -12.14 25.14 -8.44
CA SER B 240 -11.25 24.94 -9.57
C SER B 240 -10.50 23.61 -9.68
N GLY B 241 -10.43 22.80 -8.62
CA GLY B 241 -9.81 21.49 -8.75
C GLY B 241 -10.76 20.36 -8.37
N ILE B 242 -10.75 19.29 -9.16
CA ILE B 242 -11.46 18.04 -8.83
C ILE B 242 -10.54 16.87 -9.21
N ALA B 243 -10.43 15.86 -8.34
CA ALA B 243 -9.74 14.59 -8.62
C ALA B 243 -10.10 13.48 -7.61
N GLY B 244 -10.27 12.26 -8.12
CA GLY B 244 -10.44 11.05 -7.29
C GLY B 244 -9.34 10.97 -6.23
N ASP B 245 -9.64 10.58 -4.98
CA ASP B 245 -8.69 10.79 -3.88
C ASP B 245 -7.29 10.24 -4.03
N GLN B 246 -7.17 9.11 -4.75
CA GLN B 246 -5.88 8.45 -4.92
C GLN B 246 -5.07 9.04 -6.03
N GLN B 247 -5.80 9.62 -7.02
CA GLN B 247 -5.21 10.33 -8.14
C GLN B 247 -4.79 11.71 -7.68
N ALA B 248 -5.43 12.27 -6.65
CA ALA B 248 -4.89 13.49 -6.07
C ALA B 248 -3.78 13.25 -5.06
N ALA B 249 -3.60 12.01 -4.60
CA ALA B 249 -2.53 11.61 -3.69
C ALA B 249 -1.29 11.47 -4.54
N LEU B 250 -1.43 10.93 -5.76
CA LEU B 250 -0.35 10.82 -6.73
C LEU B 250 0.08 12.22 -7.11
N PHE B 251 -0.85 13.18 -7.33
CA PHE B 251 -0.45 14.56 -7.63
C PHE B 251 0.20 15.26 -6.42
N GLY B 252 -0.32 15.03 -5.21
CA GLY B 252 0.21 15.57 -3.98
C GLY B 252 1.62 15.05 -3.74
N GLN B 253 1.92 13.81 -4.19
CA GLN B 253 3.27 13.28 -4.06
C GLN B 253 4.21 13.87 -5.11
N LEU B 254 3.62 14.70 -6.00
CA LEU B 254 4.25 15.33 -7.15
C LEU B 254 4.79 14.25 -8.05
N CYS B 255 4.11 13.11 -8.12
CA CYS B 255 4.64 12.03 -8.91
C CYS B 255 4.45 12.52 -10.32
N VAL B 256 3.36 12.58 -11.10
CA VAL B 256 3.37 13.43 -12.33
C VAL B 256 4.28 13.18 -13.53
N LYS B 257 5.28 12.29 -13.49
CA LYS B 257 6.16 11.93 -14.60
C LYS B 257 6.16 10.42 -14.88
N GLU B 258 6.65 9.92 -16.00
CA GLU B 258 6.73 8.48 -16.27
C GLU B 258 7.54 7.64 -15.25
N GLY B 259 6.86 6.58 -14.78
CA GLY B 259 7.41 5.68 -13.79
C GLY B 259 7.33 6.20 -12.35
N MET B 260 6.63 7.30 -12.07
CA MET B 260 6.64 7.82 -10.71
C MET B 260 5.44 7.24 -10.03
N ALA B 261 5.63 6.67 -8.83
CA ALA B 261 4.58 5.98 -8.10
C ALA B 261 4.48 6.29 -6.63
N LYS B 262 3.31 5.97 -6.09
CA LYS B 262 3.08 6.04 -4.66
C LYS B 262 2.13 4.94 -4.24
N ASN B 263 2.06 4.69 -2.94
CA ASN B 263 1.08 3.77 -2.40
C ASN B 263 0.42 4.49 -1.25
N THR B 264 -0.92 4.59 -1.27
CA THR B 264 -1.62 5.23 -0.18
C THR B 264 -2.32 4.20 0.70
N TYR B 265 -2.05 4.34 2.00
CA TYR B 265 -2.62 3.52 3.03
C TYR B 265 -3.76 4.27 3.68
N GLY B 266 -4.96 4.15 3.09
CA GLY B 266 -6.17 4.70 3.70
C GLY B 266 -7.09 3.55 4.05
N THR B 267 -8.42 3.64 3.78
CA THR B 267 -9.38 2.56 3.98
C THR B 267 -8.84 1.31 3.30
N GLY B 268 -8.39 1.49 2.06
CA GLY B 268 -7.70 0.48 1.31
C GLY B 268 -6.27 0.96 1.02
N CYS B 269 -5.53 0.20 0.22
CA CYS B 269 -4.21 0.57 -0.22
C CYS B 269 -4.31 0.71 -1.71
N PHE B 270 -3.87 1.83 -2.28
CA PHE B 270 -3.98 2.02 -3.72
C PHE B 270 -2.61 2.44 -4.18
N MET B 271 -2.03 1.65 -5.07
CA MET B 271 -0.71 1.93 -5.58
C MET B 271 -0.94 2.37 -7.01
N LEU B 272 -0.33 3.48 -7.40
CA LEU B 272 -0.48 3.98 -8.74
C LEU B 272 0.85 4.43 -9.26
N MET B 273 1.11 4.19 -10.53
CA MET B 273 2.31 4.67 -11.20
C MET B 273 1.89 5.49 -12.42
N ASN B 274 2.33 6.74 -12.51
CA ASN B 274 2.12 7.58 -13.69
C ASN B 274 2.81 7.00 -14.93
N THR B 275 2.09 6.76 -16.04
CA THR B 275 2.74 6.26 -17.25
C THR B 275 2.73 7.22 -18.44
N GLY B 276 2.85 8.51 -18.17
CA GLY B 276 2.91 9.55 -19.19
C GLY B 276 1.63 9.74 -19.99
N GLU B 277 1.84 9.92 -21.28
CA GLU B 277 0.74 10.02 -22.20
C GLU B 277 0.64 8.74 -23.01
N LYS B 278 0.83 7.64 -22.26
CA LYS B 278 0.64 6.33 -22.81
C LYS B 278 -0.27 5.53 -21.88
N ALA B 279 -1.22 4.82 -22.49
CA ALA B 279 -2.09 3.90 -21.76
C ALA B 279 -1.49 2.50 -21.86
N VAL B 280 -0.90 1.97 -20.78
CA VAL B 280 -0.31 0.65 -20.81
C VAL B 280 -1.36 -0.40 -20.45
N LYS B 281 -1.35 -1.47 -21.25
CA LYS B 281 -2.21 -2.63 -21.04
C LYS B 281 -1.63 -3.55 -19.98
N SER B 282 -2.36 -3.75 -18.89
CA SER B 282 -1.96 -4.66 -17.83
C SER B 282 -2.24 -6.12 -18.16
N GLU B 283 -1.30 -6.98 -17.82
CA GLU B 283 -1.49 -8.41 -18.00
C GLU B 283 -1.16 -9.19 -16.71
N ASN B 284 -1.17 -8.47 -15.58
CA ASN B 284 -0.88 -9.05 -14.28
C ASN B 284 -1.91 -8.54 -13.28
N GLY B 285 -3.16 -8.42 -13.71
CA GLY B 285 -4.26 -8.08 -12.80
C GLY B 285 -4.48 -6.64 -12.41
N LEU B 286 -3.76 -5.67 -12.97
CA LEU B 286 -3.93 -4.26 -12.61
C LEU B 286 -4.92 -3.45 -13.47
N LEU B 287 -5.06 -2.17 -13.18
CA LEU B 287 -5.96 -1.26 -13.87
C LEU B 287 -5.11 -0.26 -14.62
N THR B 288 -5.72 0.21 -15.70
CA THR B 288 -5.21 1.30 -16.50
C THR B 288 -6.23 2.39 -16.25
N THR B 289 -5.81 3.47 -15.60
CA THR B 289 -6.67 4.55 -15.22
C THR B 289 -6.16 5.90 -15.78
N ILE B 290 -6.77 7.02 -15.42
CA ILE B 290 -6.40 8.35 -15.86
C ILE B 290 -5.91 9.01 -14.58
N ALA B 291 -4.88 9.83 -14.67
CA ALA B 291 -4.35 10.62 -13.57
C ALA B 291 -3.91 11.99 -14.13
N CYS B 292 -3.50 12.98 -13.36
CA CYS B 292 -3.05 14.28 -13.87
C CYS B 292 -1.57 14.36 -14.26
N GLY B 293 -1.21 15.31 -15.15
CA GLY B 293 0.18 15.60 -15.47
C GLY B 293 0.58 16.87 -14.71
N PRO B 294 1.68 17.58 -15.03
CA PRO B 294 2.17 18.71 -14.23
C PRO B 294 1.24 19.92 -14.22
N THR B 295 0.45 20.10 -15.29
CA THR B 295 -0.50 21.20 -15.33
C THR B 295 -1.95 20.83 -15.12
N GLY B 296 -2.26 19.58 -14.78
CA GLY B 296 -3.63 19.14 -14.55
C GLY B 296 -4.25 18.46 -15.78
N GLU B 297 -3.38 17.98 -16.69
CA GLU B 297 -3.84 17.35 -17.90
C GLU B 297 -3.79 15.84 -17.85
N VAL B 298 -4.58 15.22 -18.74
CA VAL B 298 -4.70 13.78 -18.77
C VAL B 298 -3.37 13.07 -19.03
N ASN B 299 -2.91 12.43 -17.98
CA ASN B 299 -1.88 11.42 -18.10
C ASN B 299 -2.61 10.13 -17.80
N TYR B 300 -1.96 9.00 -18.02
CA TYR B 300 -2.52 7.72 -17.63
C TYR B 300 -1.75 7.21 -16.42
N ALA B 301 -2.23 6.12 -15.79
CA ALA B 301 -1.57 5.54 -14.64
C ALA B 301 -1.93 4.08 -14.46
N LEU B 302 -1.00 3.24 -14.02
CA LEU B 302 -1.33 1.87 -13.67
C LEU B 302 -1.80 1.82 -12.21
N GLU B 303 -2.78 0.97 -11.89
CA GLU B 303 -3.32 0.91 -10.54
C GLU B 303 -3.67 -0.48 -9.99
N GLY B 304 -3.32 -0.60 -8.72
CA GLY B 304 -3.64 -1.77 -7.96
C GLY B 304 -4.38 -1.21 -6.77
N ALA B 305 -5.53 -1.80 -6.53
CA ALA B 305 -6.36 -1.31 -5.45
C ALA B 305 -6.74 -2.48 -4.56
N VAL B 306 -6.35 -2.41 -3.29
CA VAL B 306 -6.77 -3.41 -2.33
C VAL B 306 -7.73 -2.64 -1.42
N PHE B 307 -8.90 -3.29 -1.23
CA PHE B 307 -10.07 -2.76 -0.54
C PHE B 307 -9.96 -2.55 0.97
N MET B 308 -9.18 -3.39 1.65
CA MET B 308 -9.06 -3.29 3.08
C MET B 308 -7.63 -3.14 3.49
N ALA B 309 -7.39 -2.16 4.34
CA ALA B 309 -6.08 -1.84 4.85
C ALA B 309 -6.36 -1.06 6.13
N GLY B 310 -6.39 0.25 6.25
CA GLY B 310 -6.70 0.87 7.53
C GLY B 310 -8.13 0.55 7.98
N ALA B 311 -9.02 0.10 7.12
CA ALA B 311 -10.35 -0.31 7.52
C ALA B 311 -10.27 -1.56 8.40
N SER B 312 -9.32 -2.51 8.18
CA SER B 312 -9.12 -3.73 9.00
C SER B 312 -8.78 -3.41 10.44
N ILE B 313 -7.93 -2.39 10.59
CA ILE B 313 -7.51 -1.85 11.88
C ILE B 313 -8.71 -1.19 12.52
N GLN B 314 -9.66 -0.70 11.70
CA GLN B 314 -10.87 -0.07 12.22
C GLN B 314 -11.83 -1.16 12.70
N TRP B 315 -11.88 -2.32 12.03
CA TRP B 315 -12.69 -3.44 12.43
C TRP B 315 -12.21 -4.01 13.76
N LEU B 316 -10.89 -4.09 14.04
CA LEU B 316 -10.35 -4.56 15.34
C LEU B 316 -10.83 -3.71 16.48
N ARG B 317 -10.95 -2.42 16.18
CA ARG B 317 -11.31 -1.43 17.16
C ARG B 317 -12.81 -1.34 17.39
N ASP B 318 -13.63 -1.14 16.38
CA ASP B 318 -15.05 -1.01 16.60
C ASP B 318 -15.84 -2.26 16.72
N GLU B 319 -15.73 -3.22 15.79
CA GLU B 319 -16.52 -4.42 15.85
C GLU B 319 -16.01 -5.43 16.85
N MET B 320 -14.77 -5.77 16.56
CA MET B 320 -14.00 -6.72 17.33
C MET B 320 -13.59 -6.26 18.72
N LYS B 321 -13.59 -4.96 19.02
CA LYS B 321 -13.18 -4.42 20.30
C LYS B 321 -11.83 -4.86 20.86
N LEU B 322 -10.96 -5.52 20.09
CA LEU B 322 -9.65 -5.89 20.62
C LEU B 322 -8.73 -4.69 20.86
N ILE B 323 -8.86 -3.45 20.34
CA ILE B 323 -7.85 -2.42 20.65
C ILE B 323 -8.14 -1.01 21.15
N ASN B 324 -9.33 -0.36 21.09
CA ASN B 324 -9.54 1.01 21.64
C ASN B 324 -8.98 2.20 20.84
N ASP B 325 -7.71 2.18 20.41
CA ASP B 325 -7.18 3.15 19.48
C ASP B 325 -6.65 2.37 18.31
N ALA B 326 -6.79 2.84 17.05
CA ALA B 326 -6.14 2.19 15.91
C ALA B 326 -4.61 2.17 16.09
N TYR B 327 -4.16 3.18 16.84
CA TYR B 327 -2.79 3.41 17.19
C TYR B 327 -2.21 2.39 18.18
N ASP B 328 -3.05 1.83 19.07
CA ASP B 328 -2.61 0.76 19.97
C ASP B 328 -2.35 -0.53 19.22
N SER B 329 -2.57 -0.64 17.91
CA SER B 329 -2.26 -1.88 17.24
C SER B 329 -0.76 -2.00 17.14
N GLU B 330 0.00 -0.89 16.98
CA GLU B 330 1.47 -0.98 16.95
C GLU B 330 2.03 -1.59 18.24
N TYR B 331 1.58 -1.12 19.41
CA TYR B 331 2.01 -1.61 20.71
C TYR B 331 1.75 -3.09 20.82
N PHE B 332 0.52 -3.54 20.60
CA PHE B 332 0.20 -4.95 20.74
C PHE B 332 0.79 -5.84 19.66
N ALA B 333 1.11 -5.28 18.49
CA ALA B 333 1.68 -6.09 17.41
C ALA B 333 3.16 -6.36 17.64
N THR B 334 3.80 -5.48 18.40
CA THR B 334 5.22 -5.65 18.61
C THR B 334 5.55 -6.25 19.95
N LYS B 335 4.52 -6.83 20.61
CA LYS B 335 4.67 -7.61 21.83
C LYS B 335 4.83 -9.08 21.49
N VAL B 336 4.70 -9.57 20.24
CA VAL B 336 4.85 -10.99 20.04
C VAL B 336 5.90 -11.49 19.05
N GLN B 337 6.71 -10.69 18.35
CA GLN B 337 7.77 -11.19 17.46
C GLN B 337 7.31 -11.93 16.21
N ASN B 338 6.16 -12.58 16.21
CA ASN B 338 5.58 -13.16 15.00
C ASN B 338 4.11 -13.46 15.23
N THR B 339 3.41 -13.94 14.20
CA THR B 339 2.00 -14.22 14.38
C THR B 339 1.74 -15.66 14.75
N ASN B 340 2.77 -16.49 14.94
CA ASN B 340 2.64 -17.88 15.39
C ASN B 340 1.84 -18.76 14.43
N GLY B 341 2.12 -18.50 13.14
CA GLY B 341 1.53 -19.19 12.00
C GLY B 341 0.19 -18.67 11.51
N VAL B 342 -0.36 -17.70 12.23
CA VAL B 342 -1.65 -17.08 11.95
C VAL B 342 -1.70 -16.13 10.75
N TYR B 343 -2.63 -16.33 9.83
CA TYR B 343 -2.82 -15.35 8.76
C TYR B 343 -4.23 -14.75 8.74
N VAL B 344 -4.37 -13.43 8.75
CA VAL B 344 -5.66 -12.76 8.54
C VAL B 344 -5.77 -12.39 7.07
N VAL B 345 -6.74 -12.91 6.32
CA VAL B 345 -6.98 -12.48 4.94
C VAL B 345 -8.14 -11.48 4.98
N PRO B 346 -7.92 -10.18 4.81
CA PRO B 346 -8.96 -9.17 4.99
C PRO B 346 -9.87 -8.99 3.79
N ALA B 347 -10.50 -10.04 3.28
CA ALA B 347 -11.38 -9.90 2.15
C ALA B 347 -12.83 -9.66 2.57
N PHE B 348 -13.04 -8.66 3.41
CA PHE B 348 -14.35 -8.32 3.92
C PHE B 348 -15.44 -7.96 2.89
N THR B 349 -15.04 -7.51 1.70
CA THR B 349 -15.93 -7.08 0.64
C THR B 349 -15.29 -7.60 -0.65
N GLY B 350 -15.06 -8.91 -0.73
CA GLY B 350 -14.30 -9.47 -1.80
C GLY B 350 -12.84 -9.08 -1.67
N LEU B 351 -12.06 -9.58 -2.62
CA LEU B 351 -10.64 -9.37 -2.65
C LEU B 351 -10.26 -8.23 -3.60
N GLY B 352 -10.47 -8.39 -4.90
CA GLY B 352 -10.08 -7.32 -5.79
C GLY B 352 -8.58 -7.35 -5.93
N ALA B 353 -7.86 -6.27 -5.65
CA ALA B 353 -6.38 -6.31 -5.60
C ALA B 353 -5.75 -6.88 -6.86
N PRO B 354 -4.91 -7.92 -7.02
CA PRO B 354 -4.76 -8.57 -8.34
C PRO B 354 -5.69 -9.74 -8.65
N TYR B 355 -6.50 -10.11 -7.68
CA TYR B 355 -7.32 -11.31 -7.75
C TYR B 355 -8.68 -11.17 -8.40
N TRP B 356 -9.22 -9.97 -8.25
CA TRP B 356 -10.60 -9.58 -8.55
C TRP B 356 -11.51 -10.65 -7.98
N ASP B 357 -12.41 -11.54 -8.44
CA ASP B 357 -13.18 -12.41 -7.47
C ASP B 357 -13.93 -11.71 -6.31
N PRO B 358 -15.17 -11.27 -6.58
CA PRO B 358 -16.08 -10.68 -5.61
C PRO B 358 -16.66 -11.62 -4.55
N TYR B 359 -16.40 -12.92 -4.72
CA TYR B 359 -16.96 -13.94 -3.85
C TYR B 359 -16.18 -14.37 -2.63
N ALA B 360 -14.97 -13.85 -2.41
CA ALA B 360 -14.17 -14.15 -1.26
C ALA B 360 -14.62 -13.29 -0.11
N ARG B 361 -14.68 -13.87 1.09
CA ARG B 361 -14.96 -13.11 2.31
C ARG B 361 -13.75 -13.27 3.20
N GLY B 362 -13.68 -12.51 4.29
CA GLY B 362 -12.52 -12.50 5.18
C GLY B 362 -12.26 -13.80 5.94
N ALA B 363 -11.04 -14.08 6.36
CA ALA B 363 -10.74 -15.34 7.01
C ALA B 363 -9.52 -15.29 7.93
N ILE B 364 -9.43 -16.02 9.06
CA ILE B 364 -8.22 -16.05 9.87
C ILE B 364 -7.79 -17.51 9.90
N PHE B 365 -6.59 -17.83 9.47
CA PHE B 365 -6.13 -19.19 9.29
C PHE B 365 -5.02 -19.57 10.27
N GLY B 366 -4.84 -20.90 10.38
CA GLY B 366 -3.77 -21.49 11.17
C GLY B 366 -3.84 -21.18 12.64
N LEU B 367 -5.01 -21.28 13.25
CA LEU B 367 -5.20 -21.02 14.67
C LEU B 367 -4.86 -22.27 15.49
N THR B 368 -4.24 -21.96 16.64
CA THR B 368 -3.71 -22.89 17.62
C THR B 368 -4.12 -22.41 18.99
N ARG B 369 -4.02 -23.32 19.95
CA ARG B 369 -4.50 -23.14 21.31
C ARG B 369 -3.83 -22.02 22.14
N GLY B 370 -2.62 -21.66 21.71
CA GLY B 370 -1.83 -20.62 22.32
C GLY B 370 -1.75 -19.35 21.48
N VAL B 371 -2.48 -19.27 20.35
CA VAL B 371 -2.61 -18.03 19.62
C VAL B 371 -3.40 -17.02 20.48
N ASN B 372 -2.86 -15.84 20.84
CA ASN B 372 -3.62 -14.84 21.58
C ASN B 372 -3.98 -13.62 20.75
N ALA B 373 -4.65 -12.62 21.35
CA ALA B 373 -5.16 -11.45 20.64
C ALA B 373 -4.09 -10.67 19.91
N ASN B 374 -2.88 -10.55 20.48
CA ASN B 374 -1.76 -9.88 19.82
C ASN B 374 -1.29 -10.55 18.55
N HIS B 375 -1.49 -11.87 18.41
CA HIS B 375 -1.11 -12.64 17.24
C HIS B 375 -2.09 -12.30 16.14
N ILE B 376 -3.35 -12.03 16.47
CA ILE B 376 -4.40 -11.63 15.54
C ILE B 376 -4.11 -10.18 15.12
N ILE B 377 -3.95 -9.27 16.08
CA ILE B 377 -3.66 -7.88 15.81
C ILE B 377 -2.45 -7.74 14.90
N ARG B 378 -1.33 -8.43 15.17
CA ARG B 378 -0.15 -8.32 14.31
C ARG B 378 -0.42 -8.90 12.92
N ALA B 379 -1.19 -9.99 12.81
CA ALA B 379 -1.47 -10.58 11.52
C ALA B 379 -2.34 -9.67 10.66
N THR B 380 -3.22 -8.90 11.30
CA THR B 380 -4.05 -7.94 10.60
C THR B 380 -3.17 -6.84 10.00
N LEU B 381 -2.22 -6.28 10.74
CA LEU B 381 -1.31 -5.28 10.20
C LEU B 381 -0.42 -5.86 9.11
N GLU B 382 -0.06 -7.14 9.28
CA GLU B 382 0.80 -7.80 8.32
C GLU B 382 0.12 -8.07 7.01
N SER B 383 -1.20 -8.23 6.98
CA SER B 383 -1.88 -8.47 5.72
C SER B 383 -1.94 -7.23 4.84
N ILE B 384 -1.75 -6.04 5.45
CA ILE B 384 -1.69 -4.77 4.72
C ILE B 384 -0.39 -4.78 3.91
N ALA B 385 0.74 -5.20 4.49
CA ALA B 385 2.02 -5.34 3.79
C ALA B 385 2.06 -6.50 2.84
N TYR B 386 1.34 -7.61 3.03
CA TYR B 386 1.33 -8.65 2.03
C TYR B 386 0.49 -8.31 0.81
N GLN B 387 -0.55 -7.50 0.99
CA GLN B 387 -1.39 -7.06 -0.11
C GLN B 387 -0.67 -6.05 -0.98
N THR B 388 0.02 -5.09 -0.31
CA THR B 388 0.91 -4.17 -1.00
C THR B 388 1.97 -4.92 -1.85
N ARG B 389 2.53 -6.06 -1.40
CA ARG B 389 3.49 -6.79 -2.20
C ARG B 389 2.79 -7.48 -3.36
N ASP B 390 1.57 -7.98 -3.20
CA ASP B 390 0.86 -8.58 -4.33
C ASP B 390 0.68 -7.57 -5.47
N VAL B 391 0.26 -6.31 -5.21
CA VAL B 391 0.15 -5.35 -6.31
C VAL B 391 1.49 -4.83 -6.77
N LEU B 392 2.49 -4.65 -5.90
CA LEU B 392 3.79 -4.12 -6.26
C LEU B 392 4.54 -4.96 -7.27
N GLU B 393 4.48 -6.28 -7.15
CA GLU B 393 5.15 -7.13 -8.11
C GLU B 393 4.32 -7.26 -9.36
N ALA B 394 3.02 -6.97 -9.31
CA ALA B 394 2.19 -6.97 -10.49
C ALA B 394 2.51 -5.69 -11.27
N MET B 395 2.82 -4.61 -10.53
CA MET B 395 3.23 -3.28 -10.97
C MET B 395 4.55 -3.38 -11.70
N GLN B 396 5.53 -4.01 -11.04
CA GLN B 396 6.85 -4.21 -11.63
C GLN B 396 6.85 -5.14 -12.84
N ALA B 397 6.07 -6.22 -12.85
CA ALA B 397 5.98 -7.08 -14.02
C ALA B 397 5.22 -6.44 -15.17
N ASP B 398 4.44 -5.39 -14.89
CA ASP B 398 3.65 -4.68 -15.89
C ASP B 398 4.37 -3.52 -16.58
N SER B 399 5.06 -2.76 -15.72
CA SER B 399 5.80 -1.60 -16.10
C SER B 399 7.16 -1.95 -16.66
N GLY B 400 7.72 -3.06 -16.19
CA GLY B 400 9.08 -3.42 -16.55
C GLY B 400 10.07 -2.58 -15.75
N ILE B 401 9.65 -1.95 -14.65
CA ILE B 401 10.52 -1.10 -13.84
C ILE B 401 10.55 -1.71 -12.46
N ARG B 402 11.74 -1.76 -11.84
CA ARG B 402 11.89 -2.22 -10.48
C ARG B 402 11.98 -1.02 -9.54
N LEU B 403 11.14 -0.92 -8.52
CA LEU B 403 11.20 0.24 -7.64
C LEU B 403 12.25 0.01 -6.57
N HIS B 404 13.05 1.04 -6.37
CA HIS B 404 14.10 0.93 -5.39
C HIS B 404 13.85 1.68 -4.10
N ALA B 405 12.58 2.05 -3.95
CA ALA B 405 12.06 2.72 -2.79
C ALA B 405 10.58 2.82 -3.06
N LEU B 406 9.79 2.84 -2.00
CA LEU B 406 8.36 2.95 -2.13
C LEU B 406 8.03 4.19 -1.32
N ARG B 407 7.60 5.21 -2.05
CA ARG B 407 7.13 6.46 -1.46
C ARG B 407 5.69 6.21 -0.99
N VAL B 408 5.41 6.43 0.29
CA VAL B 408 4.11 6.07 0.83
C VAL B 408 3.37 7.22 1.47
N ASP B 409 2.06 7.10 1.66
CA ASP B 409 1.33 8.13 2.40
C ASP B 409 0.01 7.55 2.86
N GLY B 410 -0.71 8.25 3.74
CA GLY B 410 -1.98 7.75 4.22
C GLY B 410 -1.94 7.79 5.73
N GLY B 411 -3.07 7.45 6.34
CA GLY B 411 -3.21 7.49 7.78
C GLY B 411 -2.39 6.42 8.47
N ALA B 412 -2.36 5.23 7.88
CA ALA B 412 -1.62 4.10 8.44
C ALA B 412 -0.10 4.22 8.43
N VAL B 413 0.54 5.07 7.62
CA VAL B 413 2.02 5.13 7.58
C VAL B 413 2.58 5.74 8.87
N ALA B 414 1.73 6.28 9.74
CA ALA B 414 2.23 6.73 11.03
C ALA B 414 2.70 5.58 11.93
N ASN B 415 2.38 4.31 11.59
CA ASN B 415 2.72 3.10 12.30
C ASN B 415 4.08 2.57 11.86
N ASN B 416 5.07 2.72 12.75
CA ASN B 416 6.42 2.25 12.44
C ASN B 416 6.59 0.73 12.27
N PHE B 417 5.86 -0.11 12.99
CA PHE B 417 5.94 -1.54 12.80
C PHE B 417 5.57 -1.92 11.36
N LEU B 418 4.44 -1.39 10.86
CA LEU B 418 3.87 -1.67 9.55
C LEU B 418 4.78 -1.22 8.44
N MET B 419 5.36 -0.01 8.61
CA MET B 419 6.25 0.55 7.60
C MET B 419 7.53 -0.24 7.46
N GLN B 420 8.11 -0.60 8.63
CA GLN B 420 9.30 -1.44 8.69
C GLN B 420 9.04 -2.86 8.19
N PHE B 421 8.00 -3.52 8.71
CA PHE B 421 7.57 -4.85 8.24
C PHE B 421 7.34 -4.79 6.74
N GLN B 422 6.83 -3.65 6.25
CA GLN B 422 6.59 -3.45 4.83
C GLN B 422 7.90 -3.47 4.07
N SER B 423 8.92 -2.74 4.54
CA SER B 423 10.19 -2.76 3.82
C SER B 423 10.88 -4.10 3.95
N ASP B 424 10.73 -4.88 5.06
CA ASP B 424 11.29 -6.22 5.13
C ASP B 424 10.64 -7.21 4.18
N ILE B 425 9.31 -7.17 3.99
CA ILE B 425 8.66 -8.15 3.13
C ILE B 425 8.81 -7.86 1.64
N LEU B 426 9.18 -6.62 1.35
CA LEU B 426 9.34 -6.13 0.00
C LEU B 426 10.79 -6.22 -0.40
N GLY B 427 11.63 -6.04 0.61
CA GLY B 427 13.06 -6.03 0.45
C GLY B 427 13.44 -4.78 -0.32
N THR B 428 12.76 -3.65 -0.03
CA THR B 428 13.01 -2.36 -0.67
C THR B 428 12.86 -1.29 0.40
N ARG B 429 13.37 -0.07 0.20
CA ARG B 429 13.18 1.00 1.17
C ARG B 429 11.77 1.56 1.08
N VAL B 430 11.31 2.20 2.16
CA VAL B 430 9.97 2.75 2.25
C VAL B 430 10.22 4.18 2.73
N GLU B 431 10.03 5.15 1.80
CA GLU B 431 10.23 6.56 2.08
C GLU B 431 8.97 7.20 2.60
N ARG B 432 8.91 7.59 3.86
CA ARG B 432 7.74 8.24 4.39
C ARG B 432 7.89 9.76 4.34
N PRO B 433 6.94 10.56 3.84
CA PRO B 433 6.95 12.03 3.92
C PRO B 433 6.46 12.57 5.25
N GLU B 434 6.65 13.85 5.63
CA GLU B 434 6.12 14.31 6.92
C GLU B 434 4.74 14.90 6.86
N VAL B 435 4.25 15.33 5.71
CA VAL B 435 2.82 15.59 5.62
C VAL B 435 2.37 14.29 4.95
N ARG B 436 1.68 13.49 5.77
CA ARG B 436 1.31 12.14 5.39
C ARG B 436 -0.02 12.00 4.68
N GLU B 437 -0.92 12.94 4.90
CA GLU B 437 -2.22 12.86 4.26
C GLU B 437 -2.26 13.87 3.09
N VAL B 438 -1.58 13.42 2.01
CA VAL B 438 -1.34 14.25 0.84
C VAL B 438 -2.46 14.26 -0.18
N THR B 439 -3.58 13.65 0.15
CA THR B 439 -4.72 13.56 -0.77
C THR B 439 -5.41 14.93 -0.91
N ALA B 440 -5.42 15.71 0.17
CA ALA B 440 -5.99 17.04 0.21
C ALA B 440 -4.97 18.07 -0.25
N LEU B 441 -3.74 17.68 -0.64
CA LEU B 441 -2.79 18.64 -1.17
C LEU B 441 -2.82 18.54 -2.67
N GLY B 442 -2.95 17.33 -3.22
CA GLY B 442 -3.08 17.19 -4.66
C GLY B 442 -4.30 17.91 -5.20
N ALA B 443 -5.38 17.99 -4.40
CA ALA B 443 -6.57 18.70 -4.78
C ALA B 443 -6.48 20.20 -4.53
N ALA B 444 -5.53 20.63 -3.70
CA ALA B 444 -5.30 22.05 -3.42
C ALA B 444 -4.38 22.59 -4.52
N TYR B 445 -3.41 21.77 -4.95
CA TYR B 445 -2.50 22.11 -6.02
C TYR B 445 -3.29 22.22 -7.31
N LEU B 446 -4.16 21.26 -7.63
CA LEU B 446 -4.99 21.31 -8.83
C LEU B 446 -5.84 22.56 -8.83
N ALA B 447 -6.23 23.03 -7.63
CA ALA B 447 -7.07 24.23 -7.53
C ALA B 447 -6.30 25.56 -7.57
N GLY B 448 -5.11 25.56 -6.98
CA GLY B 448 -4.28 26.75 -6.94
C GLY B 448 -3.81 27.09 -8.34
N LEU B 449 -3.33 26.07 -9.06
CA LEU B 449 -2.90 26.19 -10.43
C LEU B 449 -3.95 26.84 -11.32
N ALA B 450 -5.23 26.41 -11.23
CA ALA B 450 -6.26 26.94 -12.13
C ALA B 450 -6.75 28.35 -11.86
N VAL B 451 -6.29 28.92 -10.75
CA VAL B 451 -6.69 30.23 -10.29
C VAL B 451 -5.48 31.16 -10.32
N GLY B 452 -4.31 30.64 -10.66
CA GLY B 452 -3.10 31.46 -10.69
C GLY B 452 -2.44 31.60 -9.32
N PHE B 453 -3.05 31.08 -8.25
CA PHE B 453 -2.46 31.05 -6.92
C PHE B 453 -1.08 30.39 -6.98
N TRP B 454 -0.87 29.44 -7.88
CA TRP B 454 0.45 28.86 -8.02
C TRP B 454 1.11 28.87 -9.38
N GLN B 455 0.44 28.76 -10.52
CA GLN B 455 1.11 28.72 -11.84
C GLN B 455 1.86 27.42 -12.17
N ASN B 456 2.55 26.76 -11.21
CA ASN B 456 2.96 25.36 -11.34
C ASN B 456 3.75 24.72 -10.21
N LEU B 457 3.85 23.39 -10.39
CA LEU B 457 4.46 22.46 -9.47
C LEU B 457 5.86 22.70 -8.97
N ASP B 458 6.72 23.30 -9.80
CA ASP B 458 8.07 23.60 -9.37
C ASP B 458 8.08 24.56 -8.20
N GLU B 459 7.14 25.50 -8.09
CA GLU B 459 7.01 26.34 -6.89
C GLU B 459 6.72 25.49 -5.64
N LEU B 460 6.40 24.19 -5.79
CA LEU B 460 6.09 23.26 -4.70
C LEU B 460 6.99 22.02 -4.54
N GLN B 461 8.16 21.96 -5.19
CA GLN B 461 9.04 20.82 -5.05
C GLN B 461 9.48 20.72 -3.59
N GLU B 462 10.04 21.82 -3.11
CA GLU B 462 10.55 22.01 -1.75
C GLU B 462 9.82 21.32 -0.59
N LYS B 463 8.48 21.30 -0.63
CA LYS B 463 7.66 20.67 0.40
C LYS B 463 7.78 19.16 0.59
N ALA B 464 8.09 18.40 -0.46
CA ALA B 464 8.26 16.97 -0.29
C ALA B 464 9.58 16.72 0.45
N VAL B 465 9.39 16.54 1.75
CA VAL B 465 10.51 16.23 2.62
C VAL B 465 10.18 14.96 3.41
N ILE B 466 10.98 13.97 3.00
CA ILE B 466 10.98 12.64 3.56
C ILE B 466 11.47 12.70 5.00
N GLU B 467 10.50 12.41 5.86
CA GLU B 467 10.68 12.42 7.29
C GLU B 467 11.50 11.23 7.79
N ARG B 468 11.30 10.08 7.14
CA ARG B 468 11.95 8.85 7.56
C ARG B 468 12.07 7.90 6.39
N GLU B 469 13.18 7.18 6.31
CA GLU B 469 13.33 6.16 5.30
C GLU B 469 13.56 4.84 6.01
N PHE B 470 12.71 3.87 5.69
CA PHE B 470 12.78 2.57 6.28
C PHE B 470 13.59 1.70 5.35
N ARG B 471 14.55 0.95 5.92
CA ARG B 471 15.35 0.04 5.13
C ARG B 471 15.09 -1.39 5.64
N PRO B 472 15.14 -2.44 4.79
CA PRO B 472 15.09 -3.84 5.17
C PRO B 472 16.17 -4.24 6.17
N GLY B 473 15.79 -4.52 7.41
CA GLY B 473 16.75 -5.04 8.37
C GLY B 473 17.06 -6.52 8.13
N ILE B 474 17.75 -7.22 9.05
CA ILE B 474 18.10 -8.62 8.83
C ILE B 474 16.90 -9.54 8.69
N GLU B 475 15.75 -9.21 9.32
CA GLU B 475 14.55 -10.01 9.15
C GLU B 475 14.05 -10.08 7.71
N THR B 476 14.53 -9.24 6.76
CA THR B 476 14.10 -9.34 5.36
C THR B 476 14.50 -10.70 4.78
N THR B 477 15.42 -11.42 5.43
CA THR B 477 15.83 -12.72 4.92
C THR B 477 14.68 -13.74 4.97
N GLU B 478 13.68 -13.61 5.84
CA GLU B 478 12.56 -14.55 5.79
C GLU B 478 11.36 -14.12 4.96
N ARG B 479 11.44 -12.95 4.29
CA ARG B 479 10.33 -12.38 3.57
C ARG B 479 9.62 -13.34 2.65
N ASN B 480 10.28 -14.23 1.91
CA ASN B 480 9.61 -15.21 1.05
C ASN B 480 9.04 -16.43 1.74
N TYR B 481 9.47 -16.75 2.97
CA TYR B 481 8.84 -17.82 3.73
C TYR B 481 7.53 -17.26 4.24
N ARG B 482 7.53 -16.08 4.86
CA ARG B 482 6.32 -15.44 5.35
C ARG B 482 5.31 -15.13 4.25
N TYR B 483 5.76 -14.66 3.07
CA TYR B 483 4.84 -14.34 2.01
C TYR B 483 4.22 -15.60 1.42
N ALA B 484 4.94 -16.71 1.31
CA ALA B 484 4.38 -17.97 0.78
C ALA B 484 3.21 -18.50 1.62
N GLY B 485 3.24 -18.16 2.91
CA GLY B 485 2.19 -18.52 3.84
C GLY B 485 0.94 -17.72 3.54
N TRP B 486 1.11 -16.44 3.19
CA TRP B 486 0.01 -15.56 2.83
C TRP B 486 -0.66 -16.03 1.54
N LYS B 487 0.11 -16.46 0.53
CA LYS B 487 -0.46 -16.87 -0.72
C LYS B 487 -1.27 -18.17 -0.63
N LYS B 488 -1.01 -18.97 0.40
CA LYS B 488 -1.76 -20.18 0.74
C LYS B 488 -3.05 -19.75 1.44
N ALA B 489 -2.97 -18.81 2.37
CA ALA B 489 -4.12 -18.27 3.05
C ALA B 489 -5.13 -17.61 2.10
N VAL B 490 -4.65 -16.85 1.11
CA VAL B 490 -5.49 -16.14 0.15
C VAL B 490 -6.23 -17.12 -0.73
N LYS B 491 -5.53 -18.19 -1.12
CA LYS B 491 -6.11 -19.20 -2.00
C LYS B 491 -7.21 -19.89 -1.24
N ARG B 492 -7.28 -19.93 0.08
CA ARG B 492 -8.41 -20.50 0.82
C ARG B 492 -9.56 -19.55 1.20
N ALA B 493 -9.36 -18.23 1.18
CA ALA B 493 -10.45 -17.30 1.46
C ALA B 493 -11.27 -17.09 0.20
N MET B 494 -10.66 -17.29 -0.97
CA MET B 494 -11.29 -17.12 -2.24
C MET B 494 -12.53 -17.92 -2.50
N ALA B 495 -13.49 -17.31 -3.19
CA ALA B 495 -14.70 -18.00 -3.63
C ALA B 495 -15.50 -18.68 -2.52
N TRP B 496 -15.73 -17.96 -1.43
CA TRP B 496 -16.50 -18.49 -0.32
C TRP B 496 -17.99 -18.40 -0.62
N GLU B 497 -18.50 -17.21 -0.95
CA GLU B 497 -19.90 -16.98 -1.28
C GLU B 497 -20.38 -17.69 -2.52
N GLU B 498 -21.55 -18.33 -2.47
CA GLU B 498 -22.05 -19.07 -3.64
C GLU B 498 -22.77 -18.19 -4.64
N HIS B 499 -22.80 -18.64 -5.91
CA HIS B 499 -23.51 -17.92 -6.97
C HIS B 499 -23.93 -18.73 -8.21
C1 GOL C . -11.90 4.14 -4.27
O1 GOL C . -11.49 2.84 -4.55
C2 GOL C . -10.93 4.80 -3.39
O2 GOL C . -11.26 6.15 -3.57
C3 GOL C . -11.12 4.53 -1.94
O3 GOL C . -10.25 5.41 -1.22
#